data_4AQD
#
_entry.id   4AQD
#
_cell.length_a   72.750
_cell.length_b   79.260
_cell.length_c   227.200
_cell.angle_alpha   90.00
_cell.angle_beta   90.00
_cell.angle_gamma   90.00
#
_symmetry.space_group_name_H-M   'P 21 21 21'
#
loop_
_entity.id
_entity.type
_entity.pdbx_description
1 polymer BUTYRYLCHOLINESTERASE
2 branched 2-acetamido-2-deoxy-beta-D-glucopyranose-(1-4)-2-acetamido-2-deoxy-beta-D-glucopyranose
3 branched 2-acetamido-2-deoxy-beta-D-glucopyranose-(1-4)-[beta-L-fucopyranose-(1-6)]2-acetamido-2-deoxy-beta-D-glucopyranose
4 branched alpha-D-mannopyranose-(1-4)-2-acetamido-2-deoxy-beta-D-glucopyranose-(1-4)-2-acetamido-2-deoxy-beta-D-glucopyranose
5 non-polymer BETA-ALANINE
6 non-polymer 2-acetamido-2-deoxy-beta-D-glucopyranose
7 non-polymer 'TETRAETHYLENE GLYCOL'
8 non-polymer 1,2-ETHANEDIOL
9 non-polymer 'UNKNOWN ATOM OR ION'
10 non-polymer 'CHLORIDE ION'
11 non-polymer GLYCINE
12 non-polymer DI(HYDROXYETHYL)ETHER
13 water water
#
_entity_poly.entity_id   1
_entity_poly.type   'polypeptide(L)'
_entity_poly.pdbx_seq_one_letter_code
;RSEDDIIIATKNGKVRGMNLTVFGGTVTAFLGIPYAQPPLGRLRFKKPQSLTKWSDIWNATKYANSCCQNIDQSFPGFHG
SEMWNPNTDLSEDCLYLNVWIPAPKPKNATVLIWIYGGGFQTGTSSLHVYDGKFLARVERVIVVSMNYRVGALGFLALPG
NPEAPGNMGLFDQQLALQWVQKNIAAFGGNPKSVTLFGESAGAASVSLHLLSPGSHSLFTRAILQSGSFNAPWAVTSLYE
ARNRTLNLAKLTGCSRENETEIIKCLRNKDPQEILLNEAFVVPYGTPLSVNFGPTVDGDFLTDMPDILLELGQFKKTQIL
VGVNKDEGTAFLVYGAPGFSKDNNSIITRKEFQEGLKIFFPGVSEFGKESILFHYTDWVDDQRPENYREALGDVVGDYNF
ICPALEFTKKFSEWGNNAFFYYFEHRSSKLPWPEWMGVMHGYEIEFVFGLPLERRDNYTKAEEILSRSIVKRWANFAKYG
NPNETQNNSTSWPVFKSTEQKYLTLNTESTRIMTKLRAQQCRFWTSFFPKV
;
_entity_poly.pdbx_strand_id   A,B
#
# COMPACT_ATOMS: atom_id res chain seq x y z
N ASP A 5 -26.94 -28.35 -16.12
CA ASP A 5 -26.40 -27.58 -17.23
C ASP A 5 -25.77 -26.26 -16.74
N ILE A 6 -24.75 -25.79 -17.46
CA ILE A 6 -24.07 -24.55 -17.12
C ILE A 6 -24.30 -23.48 -18.19
N ILE A 7 -25.20 -22.53 -17.94
CA ILE A 7 -25.65 -21.65 -19.01
C ILE A 7 -25.82 -20.20 -18.55
N ILE A 8 -25.18 -19.29 -19.27
CA ILE A 8 -25.24 -17.87 -18.96
C ILE A 8 -25.80 -17.09 -20.13
N ALA A 9 -26.86 -16.33 -19.87
CA ALA A 9 -27.43 -15.45 -20.87
C ALA A 9 -26.59 -14.17 -20.99
N THR A 10 -26.07 -13.91 -22.19
CA THR A 10 -25.31 -12.70 -22.47
C THR A 10 -26.09 -11.82 -23.44
N LYS A 11 -25.59 -10.61 -23.64
CA LYS A 11 -26.19 -9.67 -24.59
C LYS A 11 -26.25 -10.28 -25.99
N ASN A 12 -25.29 -11.14 -26.31
CA ASN A 12 -25.18 -11.75 -27.64
C ASN A 12 -25.92 -13.09 -27.82
N GLY A 13 -26.36 -13.67 -26.70
CA GLY A 13 -27.04 -14.96 -26.71
C GLY A 13 -26.64 -15.78 -25.49
N LYS A 14 -27.26 -16.94 -25.32
CA LYS A 14 -26.94 -17.86 -24.23
C LYS A 14 -25.64 -18.61 -24.52
N VAL A 15 -24.85 -18.85 -23.49
CA VAL A 15 -23.60 -19.58 -23.64
C VAL A 15 -23.47 -20.71 -22.59
N ARG A 16 -23.03 -21.87 -23.05
CA ARG A 16 -22.87 -23.03 -22.19
C ARG A 16 -21.39 -23.20 -21.86
N GLY A 17 -21.09 -23.50 -20.59
CA GLY A 17 -19.71 -23.71 -20.17
C GLY A 17 -19.45 -25.11 -19.63
N MET A 18 -18.31 -25.29 -18.98
CA MET A 18 -17.95 -26.59 -18.44
C MET A 18 -17.32 -26.44 -17.06
N ASN A 19 -17.51 -27.46 -16.22
CA ASN A 19 -16.85 -27.52 -14.92
C ASN A 19 -15.44 -28.11 -14.99
N LEU A 20 -14.51 -27.49 -14.27
CA LEU A 20 -13.17 -28.05 -14.09
C LEU A 20 -12.94 -28.39 -12.61
N THR A 21 -12.26 -29.50 -12.34
CA THR A 21 -11.92 -29.83 -10.97
C THR A 21 -10.53 -29.32 -10.62
N VAL A 22 -10.49 -28.32 -9.74
CA VAL A 22 -9.25 -27.67 -9.35
C VAL A 22 -9.07 -27.68 -7.83
N PHE A 23 -8.02 -28.33 -7.34
CA PHE A 23 -7.69 -28.32 -5.91
C PHE A 23 -8.86 -28.73 -5.01
N GLY A 24 -9.64 -29.70 -5.46
CA GLY A 24 -10.77 -30.17 -4.68
C GLY A 24 -11.95 -29.24 -4.77
N GLY A 25 -11.87 -28.28 -5.68
CA GLY A 25 -12.97 -27.36 -5.90
C GLY A 25 -13.39 -27.37 -7.35
N THR A 26 -14.24 -26.42 -7.71
CA THR A 26 -14.76 -26.34 -9.06
C THR A 26 -14.57 -24.94 -9.63
N VAL A 27 -14.15 -24.89 -10.89
CA VAL A 27 -14.13 -23.63 -11.63
C VAL A 27 -14.98 -23.83 -12.88
N THR A 28 -15.78 -22.83 -13.21
CA THR A 28 -16.57 -22.87 -14.43
C THR A 28 -15.87 -22.10 -15.55
N ALA A 29 -15.53 -22.81 -16.61
CA ALA A 29 -14.76 -22.23 -17.71
C ALA A 29 -15.62 -22.05 -18.95
N PHE A 30 -15.57 -20.87 -19.55
CA PHE A 30 -16.21 -20.65 -20.84
C PHE A 30 -15.09 -20.25 -21.80
N LEU A 31 -14.69 -21.21 -22.64
CA LEU A 31 -13.59 -21.00 -23.57
C LEU A 31 -14.13 -20.72 -24.97
N GLY A 32 -13.58 -19.70 -25.62
CA GLY A 32 -13.89 -19.44 -27.01
C GLY A 32 -15.25 -18.84 -27.28
N ILE A 33 -15.58 -17.81 -26.49
CA ILE A 33 -16.77 -16.99 -26.74
C ILE A 33 -16.41 -15.93 -27.78
N PRO A 34 -17.20 -15.84 -28.85
CA PRO A 34 -16.97 -14.77 -29.82
C PRO A 34 -17.33 -13.42 -29.24
N TYR A 35 -16.51 -12.40 -29.49
CA TYR A 35 -16.83 -11.08 -28.98
C TYR A 35 -16.91 -10.04 -30.10
N ALA A 36 -16.68 -10.49 -31.32
CA ALA A 36 -16.74 -9.62 -32.50
C ALA A 36 -17.11 -10.44 -33.74
N GLN A 37 -17.52 -9.76 -34.80
CA GLN A 37 -17.72 -10.43 -36.07
C GLN A 37 -16.36 -10.84 -36.62
N PRO A 38 -16.30 -12.05 -37.20
CA PRO A 38 -15.07 -12.58 -37.80
C PRO A 38 -14.54 -11.61 -38.85
N PRO A 39 -13.29 -11.17 -38.71
CA PRO A 39 -12.72 -10.15 -39.59
C PRO A 39 -12.25 -10.74 -40.92
N LEU A 40 -13.21 -11.21 -41.70
CA LEU A 40 -12.97 -11.91 -42.97
C LEU A 40 -13.40 -11.08 -44.18
N GLY A 41 -12.81 -11.38 -45.34
CA GLY A 41 -13.18 -10.72 -46.57
C GLY A 41 -13.01 -9.22 -46.53
N ARG A 42 -14.12 -8.50 -46.62
CA ARG A 42 -14.12 -7.04 -46.56
C ARG A 42 -13.77 -6.49 -45.17
N LEU A 43 -13.92 -7.32 -44.15
CA LEU A 43 -13.63 -6.89 -42.77
C LEU A 43 -12.15 -7.08 -42.41
N ARG A 44 -11.40 -7.73 -43.30
CA ARG A 44 -9.96 -7.89 -43.09
C ARG A 44 -9.29 -6.51 -43.10
N PHE A 45 -8.45 -6.27 -42.10
CA PHE A 45 -7.74 -4.99 -41.85
C PHE A 45 -8.59 -3.87 -41.24
N LYS A 46 -9.90 -4.02 -41.25
CA LYS A 46 -10.74 -3.02 -40.57
C LYS A 46 -10.72 -3.17 -39.03
N LYS A 47 -11.24 -2.16 -38.34
CA LYS A 47 -11.50 -2.31 -36.90
C LYS A 47 -12.51 -3.46 -36.69
N PRO A 48 -12.49 -4.08 -35.50
CA PRO A 48 -13.49 -5.14 -35.27
C PRO A 48 -14.90 -4.57 -35.27
N GLN A 49 -15.86 -5.34 -35.80
CA GLN A 49 -17.24 -4.91 -35.78
C GLN A 49 -17.97 -5.68 -34.69
N SER A 50 -18.86 -4.97 -33.99
CA SER A 50 -19.65 -5.56 -32.93
C SER A 50 -20.44 -6.79 -33.34
N LEU A 51 -20.47 -7.75 -32.43
CA LEU A 51 -21.22 -9.00 -32.60
C LEU A 51 -22.70 -8.75 -32.33
N THR A 52 -23.56 -9.10 -33.27
CA THR A 52 -24.99 -8.93 -33.05
C THR A 52 -25.50 -10.03 -32.11
N LYS A 53 -25.79 -11.19 -32.67
CA LYS A 53 -26.29 -12.32 -31.91
C LYS A 53 -25.79 -13.58 -32.58
N TRP A 54 -25.53 -14.62 -31.79
CA TRP A 54 -25.32 -15.94 -32.35
C TRP A 54 -26.61 -16.75 -32.21
N SER A 55 -26.71 -17.81 -33.00
CA SER A 55 -27.90 -18.67 -33.00
C SER A 55 -27.79 -19.77 -31.95
N ASP A 56 -28.92 -20.10 -31.33
CA ASP A 56 -28.99 -21.16 -30.34
C ASP A 56 -28.08 -20.91 -29.13
N ILE A 57 -27.60 -21.99 -28.53
CA ILE A 57 -26.70 -21.88 -27.41
C ILE A 57 -25.28 -22.13 -27.89
N TRP A 58 -24.40 -21.16 -27.69
CA TRP A 58 -22.99 -21.30 -27.98
C TRP A 58 -22.28 -22.16 -26.92
N ASN A 59 -21.61 -23.21 -27.38
CA ASN A 59 -20.92 -24.14 -26.50
C ASN A 59 -19.47 -23.72 -26.31
N ALA A 60 -19.21 -22.99 -25.24
CA ALA A 60 -17.86 -22.57 -24.93
C ALA A 60 -17.14 -23.66 -24.13
N THR A 61 -16.78 -24.75 -24.81
CA THR A 61 -16.15 -25.87 -24.11
C THR A 61 -14.83 -26.31 -24.74
N LYS A 62 -14.30 -25.49 -25.64
CA LYS A 62 -12.97 -25.72 -26.16
C LYS A 62 -12.41 -24.39 -26.59
N TYR A 63 -11.10 -24.25 -26.51
CA TYR A 63 -10.46 -23.01 -26.95
C TYR A 63 -10.71 -22.80 -28.44
N ALA A 64 -10.79 -21.54 -28.86
CA ALA A 64 -11.07 -21.18 -30.25
C ALA A 64 -9.81 -21.14 -31.09
N ASN A 65 -9.97 -20.86 -32.39
CA ASN A 65 -8.84 -20.66 -33.28
C ASN A 65 -7.94 -19.55 -32.77
N SER A 66 -6.62 -19.76 -32.89
CA SER A 66 -5.67 -18.67 -32.65
C SER A 66 -5.57 -17.84 -33.93
N CYS A 67 -5.14 -16.59 -33.81
CA CYS A 67 -5.03 -15.72 -34.97
C CYS A 67 -3.85 -16.11 -35.84
N CYS A 68 -3.99 -15.85 -37.15
CA CYS A 68 -2.96 -16.17 -38.12
C CYS A 68 -1.63 -15.55 -37.72
N GLN A 69 -0.56 -16.36 -37.77
CA GLN A 69 0.77 -15.92 -37.37
C GLN A 69 1.81 -16.91 -37.88
N ASN A 70 3.06 -16.46 -37.99
CA ASN A 70 4.14 -17.39 -38.25
C ASN A 70 4.48 -18.16 -36.97
N ILE A 71 5.08 -19.31 -37.13
CA ILE A 71 5.36 -20.21 -36.02
C ILE A 71 6.86 -20.30 -35.79
N ASP A 72 7.28 -20.34 -34.53
CA ASP A 72 8.68 -20.57 -34.20
C ASP A 72 9.00 -22.05 -34.45
N GLN A 73 9.95 -22.31 -35.33
CA GLN A 73 10.29 -23.66 -35.70
C GLN A 73 11.79 -23.85 -35.63
N SER A 74 12.48 -22.96 -34.94
CA SER A 74 13.93 -23.06 -34.83
C SER A 74 14.35 -24.29 -34.05
N PHE A 75 13.47 -24.80 -33.18
CA PHE A 75 13.79 -25.95 -32.33
C PHE A 75 12.68 -26.99 -32.26
N PRO A 76 12.63 -27.89 -33.24
CA PRO A 76 11.58 -28.91 -33.31
C PRO A 76 11.60 -29.85 -32.11
N GLY A 77 10.47 -29.93 -31.41
CA GLY A 77 10.34 -30.85 -30.29
C GLY A 77 10.79 -30.29 -28.96
N PHE A 78 11.40 -29.10 -28.99
CA PHE A 78 11.90 -28.45 -27.79
C PHE A 78 10.77 -27.67 -27.10
N HIS A 79 10.48 -28.06 -25.86
CA HIS A 79 9.40 -27.46 -25.09
C HIS A 79 9.63 -25.99 -24.82
N GLY A 80 10.90 -25.62 -24.65
CA GLY A 80 11.23 -24.22 -24.40
C GLY A 80 10.71 -23.28 -25.47
N SER A 81 10.82 -23.67 -26.73
CA SER A 81 10.34 -22.83 -27.82
C SER A 81 8.90 -23.17 -28.18
N GLU A 82 8.56 -24.44 -28.18
CA GLU A 82 7.23 -24.84 -28.65
C GLU A 82 6.07 -24.49 -27.72
N MET A 83 6.36 -24.15 -26.47
CA MET A 83 5.30 -23.83 -25.51
C MET A 83 4.71 -22.48 -25.84
N TRP A 84 5.40 -21.71 -26.67
CA TRP A 84 4.85 -20.43 -27.09
C TRP A 84 4.14 -20.50 -28.46
N ASN A 85 4.32 -21.60 -29.20
CA ASN A 85 3.59 -21.78 -30.45
C ASN A 85 2.11 -21.96 -30.16
N PRO A 86 1.25 -21.45 -31.04
CA PRO A 86 -0.20 -21.60 -30.82
C PRO A 86 -0.59 -23.08 -30.80
N ASN A 87 -1.59 -23.39 -30.00
CA ASN A 87 -1.94 -24.76 -29.72
C ASN A 87 -3.37 -25.06 -30.20
N THR A 88 -3.91 -24.19 -31.04
CA THR A 88 -5.17 -24.50 -31.71
C THR A 88 -4.98 -24.15 -33.18
N ASP A 89 -5.95 -24.51 -34.00
CA ASP A 89 -5.89 -24.17 -35.41
C ASP A 89 -5.70 -22.67 -35.60
N LEU A 90 -4.97 -22.31 -36.64
CA LEU A 90 -4.74 -20.93 -36.99
C LEU A 90 -5.84 -20.48 -37.95
N SER A 91 -6.33 -19.26 -37.77
CA SER A 91 -7.42 -18.80 -38.62
C SER A 91 -7.61 -17.31 -38.52
N GLU A 92 -8.16 -16.72 -39.56
CA GLU A 92 -8.50 -15.30 -39.54
C GLU A 92 -9.72 -15.12 -38.64
N ASP A 93 -10.48 -16.21 -38.49
CA ASP A 93 -11.65 -16.22 -37.66
C ASP A 93 -11.17 -16.60 -36.26
N CYS A 94 -10.75 -15.58 -35.51
CA CYS A 94 -10.01 -15.82 -34.27
C CYS A 94 -10.39 -14.88 -33.13
N LEU A 95 -11.41 -14.05 -33.32
CA LEU A 95 -11.80 -13.07 -32.30
C LEU A 95 -12.70 -13.68 -31.22
N TYR A 96 -12.06 -14.37 -30.28
CA TYR A 96 -12.77 -15.06 -29.22
C TYR A 96 -12.13 -14.74 -27.88
N LEU A 97 -12.90 -14.88 -26.80
CA LEU A 97 -12.33 -14.72 -25.47
C LEU A 97 -12.69 -15.90 -24.55
N ASN A 98 -11.97 -15.97 -23.41
CA ASN A 98 -12.16 -17.02 -22.43
C ASN A 98 -12.51 -16.46 -21.06
N VAL A 99 -13.42 -17.12 -20.37
CA VAL A 99 -13.84 -16.65 -19.05
C VAL A 99 -13.75 -17.78 -18.02
N TRP A 100 -13.02 -17.55 -16.94
CA TRP A 100 -12.99 -18.52 -15.85
C TRP A 100 -13.62 -17.91 -14.61
N ILE A 101 -14.59 -18.62 -14.04
CA ILE A 101 -15.33 -18.10 -12.89
C ILE A 101 -15.24 -19.04 -11.70
N PRO A 102 -15.07 -18.48 -10.49
CA PRO A 102 -15.06 -19.38 -9.33
C PRO A 102 -16.40 -20.05 -9.14
N ALA A 103 -16.37 -21.23 -8.56
CA ALA A 103 -17.59 -21.90 -8.15
C ALA A 103 -17.50 -22.10 -6.64
N PRO A 104 -18.60 -21.82 -5.92
CA PRO A 104 -19.86 -21.33 -6.49
C PRO A 104 -19.77 -19.87 -6.98
N LYS A 105 -20.74 -19.47 -7.80
CA LYS A 105 -20.72 -18.20 -8.50
C LYS A 105 -20.63 -17.00 -7.56
N PRO A 106 -19.64 -16.12 -7.79
CA PRO A 106 -19.52 -14.87 -7.05
C PRO A 106 -20.63 -13.90 -7.40
N LYS A 107 -20.84 -12.87 -6.58
CA LYS A 107 -21.93 -11.93 -6.79
C LYS A 107 -21.37 -10.66 -7.39
N ASN A 108 -20.09 -10.41 -7.13
CA ASN A 108 -19.47 -9.17 -7.56
C ASN A 108 -17.94 -9.30 -7.61
N ALA A 109 -17.45 -10.28 -8.34
CA ALA A 109 -16.02 -10.58 -8.29
C ALA A 109 -15.17 -9.56 -9.06
N THR A 110 -13.94 -9.40 -8.61
CA THR A 110 -12.95 -8.60 -9.28
C THR A 110 -12.49 -9.37 -10.50
N VAL A 111 -12.36 -8.68 -11.62
CA VAL A 111 -12.01 -9.31 -12.88
C VAL A 111 -10.59 -8.99 -13.29
N LEU A 112 -9.84 -10.02 -13.64
CA LEU A 112 -8.54 -9.85 -14.26
C LEU A 112 -8.59 -10.21 -15.73
N ILE A 113 -8.19 -9.27 -16.60
CA ILE A 113 -8.14 -9.50 -18.04
C ILE A 113 -6.69 -9.66 -18.54
N TRP A 114 -6.38 -10.82 -19.08
CA TRP A 114 -5.01 -11.10 -19.51
C TRP A 114 -4.79 -10.75 -20.96
N ILE A 115 -3.72 -10.05 -21.26
CA ILE A 115 -3.36 -9.74 -22.64
C ILE A 115 -1.99 -10.33 -22.95
N TYR A 116 -1.96 -11.39 -23.77
CA TYR A 116 -0.69 -12.05 -24.11
C TYR A 116 0.27 -11.15 -24.89
N GLY A 117 1.54 -11.55 -24.89
CA GLY A 117 2.54 -10.91 -25.74
C GLY A 117 2.95 -11.83 -26.88
N GLY A 118 4.10 -11.54 -27.48
CA GLY A 118 4.53 -12.20 -28.70
C GLY A 118 4.91 -11.18 -29.77
N GLY A 119 5.38 -10.02 -29.32
CA GLY A 119 5.91 -8.97 -30.17
C GLY A 119 4.93 -8.48 -31.22
N PHE A 120 3.64 -8.54 -30.90
CA PHE A 120 2.58 -8.11 -31.80
C PHE A 120 2.49 -8.94 -33.11
N GLN A 121 3.35 -9.97 -33.24
CA GLN A 121 3.35 -10.85 -34.40
C GLN A 121 2.79 -12.24 -34.08
N THR A 122 2.81 -12.62 -32.81
CA THR A 122 2.49 -13.99 -32.41
C THR A 122 1.72 -13.99 -31.10
N GLY A 123 1.37 -15.17 -30.62
CA GLY A 123 0.66 -15.35 -29.36
C GLY A 123 -0.77 -15.85 -29.47
N THR A 124 -1.32 -16.30 -28.35
CA THR A 124 -2.69 -16.83 -28.27
C THR A 124 -3.07 -16.99 -26.79
N SER A 125 -4.37 -16.86 -26.50
CA SER A 125 -4.83 -16.88 -25.11
C SER A 125 -4.96 -18.31 -24.55
N SER A 126 -4.72 -19.29 -25.40
CA SER A 126 -5.01 -20.68 -25.05
C SER A 126 -3.77 -21.49 -24.63
N LEU A 127 -2.63 -20.80 -24.46
CA LEU A 127 -1.43 -21.46 -23.99
C LEU A 127 -1.63 -21.94 -22.57
N HIS A 128 -0.97 -23.04 -22.22
CA HIS A 128 -1.10 -23.63 -20.89
C HIS A 128 -0.67 -22.66 -19.78
N VAL A 129 0.39 -21.88 -20.03
CA VAL A 129 0.89 -20.91 -19.04
C VAL A 129 -0.03 -19.71 -18.82
N TYR A 130 -1.13 -19.62 -19.57
CA TYR A 130 -2.14 -18.58 -19.32
C TYR A 130 -3.48 -19.17 -18.86
N ASP A 131 -3.46 -20.41 -18.38
CA ASP A 131 -4.69 -21.05 -17.88
C ASP A 131 -5.11 -20.30 -16.62
N GLY A 132 -6.31 -19.73 -16.64
CA GLY A 132 -6.80 -18.91 -15.55
C GLY A 132 -7.64 -19.67 -14.54
N LYS A 133 -7.71 -20.99 -14.65
CA LYS A 133 -8.50 -21.75 -13.72
C LYS A 133 -7.95 -21.66 -12.28
N PHE A 134 -6.63 -21.52 -12.15
CA PHE A 134 -6.01 -21.49 -10.83
C PHE A 134 -6.31 -20.23 -10.04
N LEU A 135 -6.16 -19.07 -10.70
CA LEU A 135 -6.43 -17.79 -10.07
C LEU A 135 -7.89 -17.70 -9.66
N ALA A 136 -8.77 -18.28 -10.46
CA ALA A 136 -10.18 -18.25 -10.13
C ALA A 136 -10.46 -19.13 -8.90
N ARG A 137 -9.82 -20.29 -8.85
CA ARG A 137 -9.99 -21.20 -7.72
C ARG A 137 -9.46 -20.61 -6.40
N VAL A 138 -8.26 -20.06 -6.45
CA VAL A 138 -7.51 -19.70 -5.24
C VAL A 138 -7.86 -18.31 -4.69
N GLU A 139 -8.07 -17.34 -5.58
CA GLU A 139 -8.34 -15.97 -5.15
C GLU A 139 -9.77 -15.53 -5.39
N ARG A 140 -10.55 -16.43 -5.98
CA ARG A 140 -11.95 -16.16 -6.31
CA ARG A 140 -11.95 -16.16 -6.31
C ARG A 140 -12.10 -14.87 -7.11
N VAL A 141 -11.23 -14.67 -8.08
CA VAL A 141 -11.42 -13.59 -9.06
C VAL A 141 -11.90 -14.21 -10.35
N ILE A 142 -12.50 -13.39 -11.21
CA ILE A 142 -12.90 -13.86 -12.53
C ILE A 142 -11.73 -13.57 -13.46
N VAL A 143 -11.39 -14.51 -14.32
CA VAL A 143 -10.29 -14.29 -15.26
C VAL A 143 -10.79 -14.30 -16.68
N VAL A 144 -10.43 -13.26 -17.43
CA VAL A 144 -10.74 -13.18 -18.84
C VAL A 144 -9.45 -13.05 -19.68
N SER A 145 -9.40 -13.75 -20.82
CA SER A 145 -8.34 -13.54 -21.81
C SER A 145 -8.94 -13.55 -23.21
N MET A 146 -8.35 -12.79 -24.13
CA MET A 146 -8.91 -12.70 -25.48
C MET A 146 -7.86 -12.94 -26.55
N ASN A 147 -8.31 -13.43 -27.69
CA ASN A 147 -7.47 -13.38 -28.89
C ASN A 147 -7.60 -12.05 -29.60
N TYR A 148 -6.48 -11.47 -29.99
CA TYR A 148 -6.51 -10.26 -30.80
C TYR A 148 -5.62 -10.44 -32.04
N ARG A 149 -6.01 -9.84 -33.18
CA ARG A 149 -5.22 -9.99 -34.41
C ARG A 149 -3.76 -9.49 -34.25
N VAL A 150 -2.82 -10.31 -34.71
CA VAL A 150 -1.39 -9.93 -34.73
C VAL A 150 -0.81 -9.80 -36.15
N GLY A 151 0.42 -9.28 -36.22
CA GLY A 151 1.09 -9.06 -37.48
C GLY A 151 0.38 -8.08 -38.41
N ALA A 152 0.62 -8.24 -39.71
CA ALA A 152 0.02 -7.37 -40.71
C ALA A 152 -1.52 -7.37 -40.64
N LEU A 153 -2.12 -8.53 -40.38
CA LEU A 153 -3.56 -8.63 -40.24
C LEU A 153 -4.05 -7.81 -39.06
N GLY A 154 -3.18 -7.59 -38.08
CA GLY A 154 -3.54 -6.84 -36.89
C GLY A 154 -3.12 -5.39 -36.92
N PHE A 155 -2.04 -5.09 -37.62
CA PHE A 155 -1.42 -3.76 -37.48
C PHE A 155 -0.97 -3.13 -38.81
N LEU A 156 -1.43 -3.65 -39.94
CA LEU A 156 -1.21 -2.95 -41.19
C LEU A 156 -1.79 -1.55 -41.05
N ALA A 157 -1.03 -0.54 -41.46
CA ALA A 157 -1.45 0.84 -41.22
C ALA A 157 -1.36 1.77 -42.43
N LEU A 158 -2.50 2.40 -42.75
CA LEU A 158 -2.57 3.55 -43.63
C LEU A 158 -3.46 4.54 -42.88
N PRO A 159 -2.87 5.31 -41.97
CA PRO A 159 -3.74 6.06 -41.05
C PRO A 159 -4.59 7.12 -41.72
N GLY A 160 -5.83 7.21 -41.27
CA GLY A 160 -6.82 8.10 -41.86
C GLY A 160 -7.75 7.31 -42.76
N ASN A 161 -7.28 6.14 -43.19
CA ASN A 161 -8.04 5.25 -44.07
C ASN A 161 -8.73 4.14 -43.27
N PRO A 162 -10.07 4.14 -43.26
CA PRO A 162 -10.82 3.20 -42.43
C PRO A 162 -10.75 1.77 -42.93
N GLU A 163 -10.17 1.56 -44.12
CA GLU A 163 -10.02 0.23 -44.68
C GLU A 163 -8.85 -0.51 -44.03
N ALA A 164 -7.88 0.26 -43.54
CA ALA A 164 -6.72 -0.31 -42.84
C ALA A 164 -6.02 0.75 -42.00
N PRO A 165 -6.69 1.22 -40.92
CA PRO A 165 -6.29 2.42 -40.20
C PRO A 165 -5.10 2.29 -39.25
N GLY A 166 -4.63 1.07 -38.98
CA GLY A 166 -3.61 0.84 -37.98
C GLY A 166 -4.22 0.43 -36.63
N ASN A 167 -3.43 -0.23 -35.78
CA ASN A 167 -3.87 -0.59 -34.43
C ASN A 167 -5.16 -1.42 -34.32
N MET A 168 -5.49 -2.19 -35.36
CA MET A 168 -6.70 -3.00 -35.31
C MET A 168 -6.69 -3.99 -34.15
N GLY A 169 -5.54 -4.65 -33.96
CA GLY A 169 -5.34 -5.57 -32.87
C GLY A 169 -5.60 -4.94 -31.50
N LEU A 170 -5.15 -3.71 -31.29
CA LEU A 170 -5.44 -2.98 -30.05
C LEU A 170 -6.95 -2.76 -29.91
N PHE A 171 -7.59 -2.40 -31.01
CA PHE A 171 -9.03 -2.23 -31.01
C PHE A 171 -9.77 -3.54 -30.77
N ASP A 172 -9.11 -4.68 -31.05
CA ASP A 172 -9.69 -5.99 -30.74
C ASP A 172 -9.70 -6.15 -29.23
N GLN A 173 -8.55 -5.85 -28.62
CA GLN A 173 -8.44 -5.88 -27.17
C GLN A 173 -9.54 -5.00 -26.56
N GLN A 174 -9.70 -3.81 -27.12
CA GLN A 174 -10.65 -2.84 -26.59
C GLN A 174 -12.08 -3.35 -26.66
N LEU A 175 -12.46 -3.93 -27.79
CA LEU A 175 -13.81 -4.44 -27.97
C LEU A 175 -14.11 -5.56 -26.95
N ALA A 176 -13.11 -6.40 -26.68
CA ALA A 176 -13.24 -7.42 -25.68
C ALA A 176 -13.44 -6.80 -24.28
N LEU A 177 -12.71 -5.72 -23.98
CA LEU A 177 -12.91 -5.02 -22.71
C LEU A 177 -14.34 -4.52 -22.61
N GLN A 178 -14.81 -3.96 -23.71
CA GLN A 178 -16.17 -3.48 -23.83
C GLN A 178 -17.18 -4.64 -23.58
N TRP A 179 -16.89 -5.81 -24.14
CA TRP A 179 -17.74 -6.99 -23.93
C TRP A 179 -17.81 -7.38 -22.45
N VAL A 180 -16.71 -7.18 -21.75
CA VAL A 180 -16.65 -7.49 -20.33
C VAL A 180 -17.52 -6.52 -19.54
N GLN A 181 -17.42 -5.24 -19.89
CA GLN A 181 -18.27 -4.20 -19.30
C GLN A 181 -19.73 -4.53 -19.51
N LYS A 182 -20.07 -4.96 -20.72
CA LYS A 182 -21.45 -5.27 -21.02
C LYS A 182 -21.94 -6.56 -20.37
N ASN A 183 -21.05 -7.54 -20.20
CA ASN A 183 -21.51 -8.88 -19.88
C ASN A 183 -21.02 -9.54 -18.61
N ILE A 184 -19.88 -9.10 -18.08
CA ILE A 184 -19.26 -9.83 -16.98
C ILE A 184 -20.18 -10.01 -15.75
N ALA A 185 -21.06 -9.04 -15.50
CA ALA A 185 -22.03 -9.13 -14.40
C ALA A 185 -22.90 -10.38 -14.50
N ALA A 186 -23.20 -10.83 -15.72
CA ALA A 186 -24.03 -12.01 -15.87
C ALA A 186 -23.27 -13.26 -15.43
N PHE A 187 -21.94 -13.14 -15.40
CA PHE A 187 -21.05 -14.18 -14.89
C PHE A 187 -20.71 -13.98 -13.39
N GLY A 188 -21.31 -12.97 -12.77
CA GLY A 188 -21.03 -12.64 -11.38
C GLY A 188 -19.84 -11.72 -11.20
N GLY A 189 -19.48 -11.00 -12.26
CA GLY A 189 -18.33 -10.12 -12.24
C GLY A 189 -18.67 -8.68 -11.93
N ASN A 190 -17.68 -7.93 -11.44
CA ASN A 190 -17.83 -6.50 -11.15
C ASN A 190 -17.14 -5.69 -12.22
N PRO A 191 -17.93 -5.08 -13.10
CA PRO A 191 -17.35 -4.29 -14.21
C PRO A 191 -16.64 -3.04 -13.72
N LYS A 192 -16.82 -2.70 -12.45
CA LYS A 192 -16.17 -1.54 -11.87
C LYS A 192 -14.92 -1.95 -11.13
N SER A 193 -14.61 -3.23 -11.15
CA SER A 193 -13.36 -3.68 -10.60
C SER A 193 -12.67 -4.57 -11.61
N VAL A 194 -12.05 -3.95 -12.61
CA VAL A 194 -11.39 -4.66 -13.68
C VAL A 194 -9.93 -4.27 -13.79
N THR A 195 -9.05 -5.27 -13.72
CA THR A 195 -7.62 -5.02 -13.79
C THR A 195 -7.05 -5.66 -15.06
N LEU A 196 -6.34 -4.87 -15.87
CA LEU A 196 -5.69 -5.41 -17.05
C LEU A 196 -4.34 -5.90 -16.64
N PHE A 197 -3.94 -7.04 -17.16
CA PHE A 197 -2.54 -7.46 -17.03
C PHE A 197 -2.06 -8.17 -18.28
N GLY A 198 -0.76 -8.11 -18.52
CA GLY A 198 -0.16 -8.73 -19.68
C GLY A 198 1.36 -8.75 -19.60
N GLU A 199 1.98 -9.48 -20.51
CA GLU A 199 3.43 -9.61 -20.49
C GLU A 199 4.02 -9.25 -21.87
N SER A 200 5.17 -8.58 -21.87
CA SER A 200 5.85 -8.20 -23.08
C SER A 200 4.97 -7.27 -23.92
N ALA A 201 4.61 -7.69 -25.14
CA ALA A 201 3.73 -6.88 -25.99
C ALA A 201 2.34 -6.74 -25.37
N GLY A 202 1.97 -7.70 -24.53
CA GLY A 202 0.78 -7.62 -23.71
C GLY A 202 0.88 -6.47 -22.74
N ALA A 203 2.03 -6.32 -22.11
CA ALA A 203 2.27 -5.21 -21.20
C ALA A 203 2.35 -3.86 -21.96
N ALA A 204 3.03 -3.83 -23.09
CA ALA A 204 3.00 -2.65 -23.95
C ALA A 204 1.57 -2.26 -24.31
N SER A 205 0.75 -3.25 -24.63
CA SER A 205 -0.68 -3.03 -24.89
C SER A 205 -1.39 -2.42 -23.69
N VAL A 206 -1.20 -3.01 -22.50
CA VAL A 206 -1.84 -2.50 -21.30
C VAL A 206 -1.47 -1.03 -21.11
N SER A 207 -0.19 -0.72 -21.32
CA SER A 207 0.28 0.65 -21.11
C SER A 207 -0.34 1.59 -22.11
N LEU A 208 -0.68 1.05 -23.30
CA LEU A 208 -1.33 1.84 -24.33
C LEU A 208 -2.82 2.09 -24.02
N HIS A 209 -3.46 1.14 -23.36
CA HIS A 209 -4.82 1.39 -22.89
C HIS A 209 -4.88 2.49 -21.82
N LEU A 210 -3.79 2.68 -21.08
CA LEU A 210 -3.72 3.83 -20.15
C LEU A 210 -3.76 5.17 -20.88
N LEU A 211 -3.28 5.20 -22.11
CA LEU A 211 -3.22 6.41 -22.94
C LEU A 211 -4.44 6.62 -23.83
N SER A 212 -5.14 5.55 -24.19
CA SER A 212 -6.24 5.66 -25.15
C SER A 212 -7.56 6.04 -24.49
N PRO A 213 -8.08 7.23 -24.83
CA PRO A 213 -9.33 7.78 -24.27
C PRO A 213 -10.52 6.82 -24.39
N GLY A 214 -10.55 6.03 -25.46
CA GLY A 214 -11.58 5.02 -25.64
C GLY A 214 -11.49 3.86 -24.65
N SER A 215 -10.32 3.65 -24.05
CA SER A 215 -10.17 2.55 -23.11
C SER A 215 -10.42 3.01 -21.68
N HIS A 216 -10.34 4.32 -21.46
CA HIS A 216 -10.30 4.85 -20.10
CA HIS A 216 -10.39 4.97 -20.13
C HIS A 216 -11.42 4.38 -19.17
N SER A 217 -12.62 4.16 -19.68
CA SER A 217 -13.70 3.71 -18.79
C SER A 217 -13.98 2.22 -18.88
N LEU A 218 -13.07 1.44 -19.46
CA LEU A 218 -13.31 0.01 -19.61
C LEU A 218 -12.44 -0.81 -18.66
N PHE A 219 -11.67 -0.14 -17.80
CA PHE A 219 -10.90 -0.84 -16.79
C PHE A 219 -10.60 0.05 -15.57
N THR A 220 -10.07 -0.53 -14.52
CA THR A 220 -9.82 0.20 -13.27
C THR A 220 -8.31 0.41 -13.05
N ARG A 221 -7.55 -0.69 -13.17
CA ARG A 221 -6.12 -0.70 -12.84
C ARG A 221 -5.32 -1.56 -13.82
N ALA A 222 -4.02 -1.65 -13.62
CA ALA A 222 -3.16 -2.18 -14.67
C ALA A 222 -1.86 -2.79 -14.14
N ILE A 223 -1.56 -3.99 -14.61
CA ILE A 223 -0.31 -4.67 -14.27
C ILE A 223 0.53 -4.92 -15.52
N LEU A 224 1.79 -4.54 -15.47
CA LEU A 224 2.65 -4.58 -16.65
C LEU A 224 3.85 -5.47 -16.42
N GLN A 225 3.86 -6.66 -17.01
CA GLN A 225 4.98 -7.56 -16.81
C GLN A 225 5.96 -7.50 -17.99
N SER A 226 7.18 -7.04 -17.74
CA SER A 226 8.25 -6.99 -18.74
C SER A 226 7.84 -6.30 -20.06
N GLY A 227 7.41 -5.05 -19.98
CA GLY A 227 6.98 -4.37 -21.18
C GLY A 227 6.29 -3.06 -20.88
N SER A 228 6.42 -2.12 -21.83
CA SER A 228 5.74 -0.84 -21.77
C SER A 228 5.93 -0.17 -23.13
N PHE A 229 5.02 0.74 -23.49
CA PHE A 229 5.02 1.34 -24.83
C PHE A 229 6.30 2.09 -25.17
N ASN A 230 7.07 2.47 -24.15
CA ASN A 230 8.26 3.29 -24.34
C ASN A 230 9.50 2.44 -24.59
N ALA A 231 9.34 1.12 -24.60
CA ALA A 231 10.41 0.22 -25.01
C ALA A 231 10.69 0.46 -26.50
N PRO A 232 11.96 0.29 -26.93
CA PRO A 232 12.35 0.70 -28.30
C PRO A 232 11.58 -0.05 -29.40
N TRP A 233 11.03 -1.23 -29.09
CA TRP A 233 10.33 -2.08 -30.07
C TRP A 233 8.82 -1.88 -30.11
N ALA A 234 8.28 -1.08 -29.21
CA ALA A 234 6.83 -1.09 -28.99
C ALA A 234 6.00 -0.32 -30.03
N VAL A 235 6.44 0.90 -30.37
CA VAL A 235 5.63 1.75 -31.23
C VAL A 235 6.37 2.25 -32.46
N THR A 236 5.72 2.17 -33.62
CA THR A 236 6.31 2.63 -34.86
C THR A 236 5.82 4.05 -35.18
N SER A 237 6.71 4.92 -35.64
CA SER A 237 6.27 6.23 -36.14
C SER A 237 5.27 6.05 -37.27
N LEU A 238 4.40 7.04 -37.45
CA LEU A 238 3.33 7.03 -38.45
C LEU A 238 3.82 6.70 -39.87
N TYR A 239 4.93 7.30 -40.30
CA TYR A 239 5.42 7.10 -41.67
C TYR A 239 6.34 5.92 -41.89
N GLU A 240 6.90 5.41 -40.79
CA GLU A 240 7.65 4.16 -40.87
C GLU A 240 6.62 3.04 -41.05
N ALA A 241 5.49 3.18 -40.36
CA ALA A 241 4.38 2.25 -40.50
C ALA A 241 3.85 2.23 -41.96
N ARG A 242 3.50 3.40 -42.49
CA ARG A 242 3.06 3.50 -43.90
C ARG A 242 4.07 2.91 -44.85
N ASN A 243 5.33 3.23 -44.62
CA ASN A 243 6.42 2.69 -45.43
C ASN A 243 6.37 1.17 -45.47
N ARG A 244 6.18 0.57 -44.30
CA ARG A 244 6.11 -0.88 -44.18
C ARG A 244 4.92 -1.42 -44.95
N THR A 245 3.80 -0.73 -44.86
CA THR A 245 2.61 -1.09 -45.62
C THR A 245 2.87 -1.04 -47.12
N LEU A 246 3.40 0.07 -47.61
CA LEU A 246 3.76 0.21 -49.02
C LEU A 246 4.70 -0.89 -49.51
N ASN A 247 5.62 -1.31 -48.64
CA ASN A 247 6.59 -2.33 -49.02
C ASN A 247 5.96 -3.71 -49.11
N LEU A 248 5.07 -4.00 -48.16
CA LEU A 248 4.32 -5.24 -48.17
C LEU A 248 3.50 -5.37 -49.46
N ALA A 249 2.88 -4.27 -49.86
CA ALA A 249 2.19 -4.17 -51.14
C ALA A 249 3.09 -4.52 -52.33
N LYS A 250 4.30 -3.98 -52.34
CA LYS A 250 5.25 -4.26 -53.41
C LYS A 250 5.62 -5.75 -53.43
N LEU A 251 6.00 -6.28 -52.28
CA LEU A 251 6.37 -7.68 -52.13
C LEU A 251 5.29 -8.67 -52.58
N THR A 252 4.03 -8.27 -52.49
CA THR A 252 2.91 -9.16 -52.78
C THR A 252 2.24 -8.84 -54.12
N GLY A 253 2.76 -7.84 -54.83
CA GLY A 253 2.19 -7.41 -56.09
C GLY A 253 0.85 -6.69 -55.96
N CYS A 254 0.70 -5.92 -54.87
CA CYS A 254 -0.54 -5.19 -54.62
C CYS A 254 -0.34 -3.67 -54.64
N SER A 255 0.84 -3.26 -55.09
CA SER A 255 1.12 -1.83 -55.28
C SER A 255 0.18 -1.25 -56.33
N ARG A 256 -0.57 -0.21 -55.96
CA ARG A 256 -1.57 0.37 -56.86
C ARG A 256 -1.53 1.89 -56.85
N GLU A 257 -2.30 2.47 -57.77
CA GLU A 257 -2.55 3.90 -57.84
C GLU A 257 -2.89 4.47 -56.46
N ASN A 258 -4.10 4.19 -55.99
CA ASN A 258 -4.55 4.72 -54.71
C ASN A 258 -4.50 3.68 -53.59
N GLU A 259 -4.78 4.13 -52.37
CA GLU A 259 -4.63 3.28 -51.20
C GLU A 259 -5.67 2.19 -51.15
N THR A 260 -6.90 2.54 -51.47
CA THR A 260 -8.00 1.62 -51.36
C THR A 260 -7.88 0.48 -52.38
N GLU A 261 -7.14 0.71 -53.45
CA GLU A 261 -6.89 -0.37 -54.41
C GLU A 261 -5.83 -1.31 -53.86
N ILE A 262 -4.83 -0.75 -53.19
CA ILE A 262 -3.82 -1.54 -52.51
C ILE A 262 -4.45 -2.50 -51.50
N ILE A 263 -5.31 -1.97 -50.63
CA ILE A 263 -6.00 -2.80 -49.63
C ILE A 263 -6.87 -3.83 -50.32
N LYS A 264 -7.53 -3.38 -51.39
CA LYS A 264 -8.39 -4.23 -52.21
C LYS A 264 -7.62 -5.45 -52.71
N CYS A 265 -6.41 -5.24 -53.18
CA CYS A 265 -5.59 -6.34 -53.67
C CYS A 265 -5.10 -7.24 -52.52
N LEU A 266 -4.76 -6.62 -51.39
CA LEU A 266 -4.28 -7.36 -50.22
C LEU A 266 -5.37 -8.23 -49.59
N ARG A 267 -6.61 -7.84 -49.78
CA ARG A 267 -7.74 -8.64 -49.30
C ARG A 267 -7.95 -9.93 -50.12
N ASN A 268 -7.35 -10.00 -51.30
CA ASN A 268 -7.43 -11.20 -52.14
C ASN A 268 -6.28 -12.18 -51.96
N LYS A 269 -5.29 -11.81 -51.17
CA LYS A 269 -4.15 -12.69 -50.92
C LYS A 269 -4.46 -13.76 -49.87
N ASP A 270 -3.86 -14.94 -50.01
CA ASP A 270 -3.94 -15.97 -48.98
C ASP A 270 -3.28 -15.38 -47.75
N PRO A 271 -3.78 -15.72 -46.54
CA PRO A 271 -3.15 -15.23 -45.32
C PRO A 271 -1.68 -15.59 -45.30
N GLN A 272 -1.36 -16.78 -45.80
CA GLN A 272 0.02 -17.28 -45.82
C GLN A 272 0.92 -16.41 -46.67
N GLU A 273 0.41 -15.92 -47.79
CA GLU A 273 1.19 -15.08 -48.68
C GLU A 273 1.55 -13.77 -47.98
N ILE A 274 0.58 -13.20 -47.28
CA ILE A 274 0.83 -11.99 -46.48
C ILE A 274 1.82 -12.28 -45.35
N LEU A 275 1.60 -13.39 -44.65
CA LEU A 275 2.38 -13.78 -43.48
C LEU A 275 3.84 -14.03 -43.83
N LEU A 276 4.08 -14.68 -44.96
CA LEU A 276 5.44 -15.01 -45.38
C LEU A 276 6.25 -13.80 -45.86
N ASN A 277 5.60 -12.67 -46.06
CA ASN A 277 6.29 -11.46 -46.53
C ASN A 277 6.56 -10.40 -45.47
N GLU A 278 5.92 -10.54 -44.32
CA GLU A 278 6.05 -9.60 -43.21
C GLU A 278 7.50 -9.29 -42.83
N ALA A 279 8.37 -10.29 -42.94
CA ALA A 279 9.75 -10.15 -42.47
C ALA A 279 10.66 -9.36 -43.42
N PHE A 280 10.11 -8.91 -44.55
CA PHE A 280 10.93 -8.21 -45.54
C PHE A 280 10.53 -6.76 -45.74
N VAL A 281 9.55 -6.28 -44.96
CA VAL A 281 9.12 -4.90 -45.07
C VAL A 281 10.14 -3.98 -44.43
N VAL A 282 11.06 -4.58 -43.68
CA VAL A 282 12.11 -3.86 -42.99
C VAL A 282 13.48 -4.32 -43.48
N PRO A 283 14.31 -3.39 -43.95
CA PRO A 283 15.61 -3.70 -44.57
C PRO A 283 16.65 -4.31 -43.64
N TYR A 284 16.65 -3.94 -42.36
CA TYR A 284 17.67 -4.44 -41.44
C TYR A 284 17.16 -4.68 -40.03
N GLY A 285 16.57 -5.86 -39.80
CA GLY A 285 15.91 -6.15 -38.54
C GLY A 285 16.75 -6.85 -37.49
N THR A 286 16.25 -6.81 -36.24
CA THR A 286 16.91 -7.48 -35.11
C THR A 286 16.03 -8.64 -34.61
N PRO A 287 16.59 -9.53 -33.78
CA PRO A 287 15.75 -10.58 -33.18
C PRO A 287 14.58 -10.03 -32.38
N LEU A 288 14.58 -8.72 -32.11
CA LEU A 288 13.52 -8.05 -31.38
C LEU A 288 12.67 -7.15 -32.27
N SER A 289 12.70 -7.39 -33.57
CA SER A 289 12.00 -6.53 -34.53
C SER A 289 10.50 -6.79 -34.61
N VAL A 290 9.73 -5.71 -34.50
CA VAL A 290 8.28 -5.73 -34.65
C VAL A 290 7.94 -5.17 -36.02
N ASN A 291 7.74 -6.07 -36.99
CA ASN A 291 7.42 -5.68 -38.36
C ASN A 291 6.11 -4.89 -38.43
N PHE A 292 5.05 -5.50 -37.91
CA PHE A 292 3.77 -4.81 -37.83
C PHE A 292 3.25 -4.73 -36.39
N GLY A 293 3.22 -3.52 -35.86
CA GLY A 293 2.78 -3.29 -34.50
C GLY A 293 2.10 -1.95 -34.35
N PRO A 294 1.86 -1.51 -33.10
CA PRO A 294 1.19 -0.25 -32.79
C PRO A 294 1.86 0.94 -33.44
N THR A 295 1.07 1.95 -33.78
CA THR A 295 1.58 3.18 -34.34
C THR A 295 0.65 4.32 -33.97
N VAL A 296 1.05 5.55 -34.28
CA VAL A 296 0.19 6.71 -34.06
C VAL A 296 -0.90 6.81 -35.14
N ASP A 297 -2.07 6.22 -34.87
CA ASP A 297 -3.16 6.13 -35.84
C ASP A 297 -4.14 7.31 -35.84
N GLY A 298 -4.06 8.17 -34.84
CA GLY A 298 -5.00 9.28 -34.75
C GLY A 298 -6.31 8.93 -34.09
N ASP A 299 -6.60 7.63 -33.96
CA ASP A 299 -7.84 7.18 -33.36
C ASP A 299 -7.56 6.63 -31.93
N PHE A 300 -6.94 5.46 -31.86
CA PHE A 300 -6.51 4.87 -30.58
C PHE A 300 -5.47 5.75 -29.85
N LEU A 301 -4.45 6.19 -30.59
CA LEU A 301 -3.38 7.04 -30.09
C LEU A 301 -3.35 8.37 -30.83
N THR A 302 -3.67 9.46 -30.14
CA THR A 302 -3.74 10.76 -30.78
C THR A 302 -2.39 11.48 -30.93
N ASP A 303 -1.31 10.85 -30.45
CA ASP A 303 0.01 11.49 -30.48
C ASP A 303 1.05 10.45 -30.05
N MET A 304 2.34 10.76 -30.22
CA MET A 304 3.38 9.83 -29.78
C MET A 304 3.25 9.63 -28.27
N PRO A 305 3.27 8.37 -27.83
CA PRO A 305 2.94 8.00 -26.45
C PRO A 305 3.82 8.68 -25.40
N ASP A 306 5.08 8.90 -25.74
CA ASP A 306 6.04 9.55 -24.83
C ASP A 306 5.59 10.95 -24.47
N ILE A 307 4.97 11.62 -25.44
CA ILE A 307 4.44 12.97 -25.27
C ILE A 307 3.23 12.98 -24.33
N LEU A 308 2.31 12.05 -24.58
CA LEU A 308 1.12 11.90 -23.74
C LEU A 308 1.55 11.60 -22.30
N LEU A 309 2.56 10.75 -22.14
CA LEU A 309 3.05 10.38 -20.83
C LEU A 309 3.65 11.60 -20.12
N GLU A 310 4.54 12.30 -20.80
CA GLU A 310 5.16 13.52 -20.28
C GLU A 310 4.13 14.56 -19.85
N LEU A 311 3.01 14.62 -20.55
CA LEU A 311 2.01 15.67 -20.34
C LEU A 311 0.91 15.26 -19.37
N GLY A 312 1.02 14.06 -18.82
CA GLY A 312 0.03 13.61 -17.85
C GLY A 312 -1.30 13.29 -18.51
N GLN A 313 -1.30 13.10 -19.82
CA GLN A 313 -2.54 12.82 -20.52
C GLN A 313 -2.78 11.32 -20.60
N PHE A 314 -3.17 10.74 -19.47
CA PHE A 314 -3.47 9.31 -19.39
C PHE A 314 -4.39 9.04 -18.20
N LYS A 315 -4.91 7.82 -18.14
CA LYS A 315 -5.79 7.41 -17.06
C LYS A 315 -5.07 7.46 -15.72
N LYS A 316 -5.64 8.20 -14.76
CA LYS A 316 -5.03 8.34 -13.44
C LYS A 316 -5.44 7.20 -12.48
N THR A 317 -4.63 6.15 -12.43
CA THR A 317 -4.96 4.97 -11.63
C THR A 317 -3.70 4.29 -11.10
N GLN A 318 -3.84 3.22 -10.33
CA GLN A 318 -2.67 2.50 -9.81
C GLN A 318 -2.12 1.52 -10.81
N ILE A 319 -0.81 1.36 -10.80
CA ILE A 319 -0.15 0.37 -11.67
C ILE A 319 0.82 -0.52 -10.92
N LEU A 320 1.02 -1.72 -11.43
CA LEU A 320 2.01 -2.62 -10.87
C LEU A 320 2.90 -3.00 -12.05
N VAL A 321 4.20 -2.75 -11.91
CA VAL A 321 5.15 -2.92 -13.00
C VAL A 321 6.36 -3.72 -12.56
N GLY A 322 6.84 -4.62 -13.42
CA GLY A 322 8.10 -5.27 -13.13
C GLY A 322 8.79 -5.97 -14.27
N VAL A 323 9.99 -6.43 -13.99
CA VAL A 323 10.81 -7.12 -14.96
C VAL A 323 11.53 -8.32 -14.34
N ASN A 324 11.97 -9.22 -15.20
CA ASN A 324 12.76 -10.38 -14.81
C ASN A 324 14.24 -10.08 -14.87
N LYS A 325 15.02 -10.84 -14.12
CA LYS A 325 16.45 -10.63 -14.02
C LYS A 325 17.19 -10.80 -15.38
N ASP A 326 16.80 -11.78 -16.18
CA ASP A 326 17.55 -12.02 -17.42
C ASP A 326 16.66 -11.88 -18.67
N GLU A 327 16.10 -10.69 -18.84
CA GLU A 327 15.20 -10.36 -19.95
C GLU A 327 15.81 -10.58 -21.35
N GLY A 328 17.11 -10.33 -21.48
CA GLY A 328 17.71 -10.32 -22.79
C GLY A 328 18.26 -11.63 -23.32
N THR A 329 18.44 -12.62 -22.46
CA THR A 329 19.15 -13.83 -22.88
C THR A 329 18.42 -14.62 -23.96
N ALA A 330 17.09 -14.63 -23.89
CA ALA A 330 16.27 -15.39 -24.82
C ALA A 330 16.53 -15.04 -26.28
N PHE A 331 16.91 -13.79 -26.53
CA PHE A 331 16.97 -13.28 -27.89
C PHE A 331 18.30 -13.59 -28.55
N LEU A 332 19.31 -13.86 -27.74
CA LEU A 332 20.66 -14.11 -28.22
C LEU A 332 20.78 -15.40 -29.04
N VAL A 333 20.03 -16.45 -28.69
CA VAL A 333 20.15 -17.71 -29.43
C VAL A 333 19.40 -17.65 -30.76
N TYR A 334 18.81 -16.48 -31.03
CA TYR A 334 18.05 -16.25 -32.24
C TYR A 334 18.76 -15.32 -33.21
N GLY A 335 20.07 -15.18 -33.09
CA GLY A 335 20.80 -14.35 -34.02
C GLY A 335 22.24 -13.99 -33.72
N ALA A 336 22.57 -13.84 -32.44
CA ALA A 336 23.93 -13.46 -32.06
C ALA A 336 24.91 -14.62 -32.25
N PRO A 337 26.06 -14.35 -32.90
CA PRO A 337 27.07 -15.39 -33.11
C PRO A 337 27.74 -15.85 -31.82
N GLY A 338 28.00 -17.15 -31.72
CA GLY A 338 28.64 -17.73 -30.55
C GLY A 338 27.66 -18.38 -29.59
N PHE A 339 26.38 -18.00 -29.71
CA PHE A 339 25.34 -18.46 -28.78
C PHE A 339 24.58 -19.70 -29.29
N SER A 340 24.15 -20.55 -28.35
CA SER A 340 23.47 -21.80 -28.64
C SER A 340 22.74 -22.26 -27.39
N LYS A 341 21.53 -22.79 -27.56
CA LYS A 341 20.82 -23.27 -26.39
C LYS A 341 21.42 -24.60 -25.93
N ASP A 342 22.33 -25.15 -26.72
CA ASP A 342 23.00 -26.40 -26.36
C ASP A 342 24.49 -26.20 -26.05
N ASN A 343 24.89 -24.94 -25.92
CA ASN A 343 26.25 -24.53 -25.55
C ASN A 343 26.20 -23.75 -24.25
N ASN A 344 27.35 -23.56 -23.62
CA ASN A 344 27.44 -22.61 -22.51
C ASN A 344 27.72 -21.20 -23.04
N SER A 345 27.92 -21.10 -24.35
CA SER A 345 27.97 -19.80 -25.04
C SER A 345 29.00 -18.81 -24.50
N ILE A 346 30.17 -19.31 -24.13
CA ILE A 346 31.29 -18.43 -23.84
C ILE A 346 31.70 -17.77 -25.15
N ILE A 347 31.64 -16.45 -25.18
CA ILE A 347 31.98 -15.72 -26.40
C ILE A 347 33.17 -14.79 -26.14
N THR A 348 33.78 -14.33 -27.22
CA THR A 348 34.93 -13.45 -27.13
C THR A 348 34.47 -12.01 -27.18
N ARG A 349 35.43 -11.09 -27.09
CA ARG A 349 35.17 -9.68 -27.24
C ARG A 349 34.67 -9.37 -28.65
N LYS A 350 35.26 -10.06 -29.63
CA LYS A 350 34.89 -9.84 -31.02
C LYS A 350 33.49 -10.36 -31.30
N GLU A 351 33.11 -11.45 -30.63
CA GLU A 351 31.75 -11.99 -30.77
C GLU A 351 30.73 -11.03 -30.16
N PHE A 352 31.09 -10.47 -29.01
CA PHE A 352 30.32 -9.42 -28.37
C PHE A 352 30.06 -8.24 -29.31
N GLN A 353 31.12 -7.73 -29.92
CA GLN A 353 31.00 -6.63 -30.88
C GLN A 353 30.12 -6.97 -32.09
N GLU A 354 30.15 -8.23 -32.51
CA GLU A 354 29.30 -8.67 -33.61
C GLU A 354 27.85 -8.77 -33.16
N GLY A 355 27.66 -9.19 -31.92
CA GLY A 355 26.33 -9.20 -31.32
C GLY A 355 25.73 -7.79 -31.29
N LEU A 356 26.55 -6.81 -30.92
CA LEU A 356 26.12 -5.40 -30.92
C LEU A 356 25.64 -4.93 -32.29
N LYS A 357 26.32 -5.34 -33.36
CA LYS A 357 25.90 -4.93 -34.70
C LYS A 357 24.57 -5.58 -35.07
N ILE A 358 24.32 -6.77 -34.52
CA ILE A 358 23.06 -7.48 -34.74
C ILE A 358 21.91 -6.76 -34.06
N PHE A 359 22.11 -6.39 -32.80
CA PHE A 359 21.04 -5.77 -32.03
C PHE A 359 20.97 -4.26 -32.20
N PHE A 360 22.05 -3.68 -32.72
CA PHE A 360 22.06 -2.23 -32.95
C PHE A 360 22.55 -1.90 -34.37
N PRO A 361 21.78 -2.34 -35.38
CA PRO A 361 22.22 -2.28 -36.79
C PRO A 361 22.59 -0.87 -37.25
N GLY A 362 21.79 0.11 -36.87
CA GLY A 362 21.97 1.47 -37.36
C GLY A 362 22.83 2.37 -36.49
N VAL A 363 23.41 1.82 -35.44
CA VAL A 363 24.18 2.64 -34.49
C VAL A 363 25.62 2.82 -34.94
N SER A 364 26.13 4.05 -34.82
CA SER A 364 27.50 4.39 -35.19
C SER A 364 28.55 3.61 -34.41
N GLU A 365 29.77 3.63 -34.91
CA GLU A 365 30.85 2.86 -34.33
C GLU A 365 31.14 3.35 -32.93
N PHE A 366 31.00 4.66 -32.74
CA PHE A 366 31.25 5.28 -31.44
C PHE A 366 30.07 5.03 -30.48
N GLY A 367 28.88 4.90 -31.03
CA GLY A 367 27.74 4.54 -30.22
C GLY A 367 27.94 3.16 -29.65
N LYS A 368 28.45 2.26 -30.49
CA LYS A 368 28.64 0.87 -30.08
C LYS A 368 29.80 0.75 -29.11
N GLU A 369 30.87 1.47 -29.40
CA GLU A 369 32.05 1.51 -28.56
C GLU A 369 31.73 1.98 -27.14
N SER A 370 30.80 2.92 -27.02
CA SER A 370 30.41 3.41 -25.70
C SER A 370 29.49 2.42 -24.94
N ILE A 371 28.65 1.68 -25.65
CA ILE A 371 27.90 0.58 -25.03
C ILE A 371 28.89 -0.44 -24.51
N LEU A 372 29.91 -0.72 -25.32
CA LEU A 372 30.95 -1.65 -24.92
C LEU A 372 31.67 -1.16 -23.65
N PHE A 373 32.08 0.10 -23.64
CA PHE A 373 32.76 0.66 -22.48
C PHE A 373 31.89 0.56 -21.23
N HIS A 374 30.62 0.92 -21.38
CA HIS A 374 29.74 0.96 -20.24
C HIS A 374 29.47 -0.42 -19.63
N TYR A 375 29.59 -1.47 -20.44
CA TYR A 375 29.24 -2.82 -19.98
C TYR A 375 30.42 -3.75 -19.66
N THR A 376 31.63 -3.20 -19.61
CA THR A 376 32.82 -4.03 -19.41
C THR A 376 33.67 -3.71 -18.19
N ASP A 377 33.17 -2.88 -17.28
CA ASP A 377 33.89 -2.67 -16.02
C ASP A 377 33.76 -3.94 -15.17
N TRP A 378 34.57 -4.96 -15.46
CA TRP A 378 34.40 -6.28 -14.87
C TRP A 378 34.67 -6.29 -13.38
N VAL A 379 33.82 -6.98 -12.61
CA VAL A 379 34.18 -7.29 -11.23
C VAL A 379 35.41 -8.20 -11.25
N ASP A 380 35.35 -9.25 -12.08
CA ASP A 380 36.38 -10.25 -12.16
C ASP A 380 36.67 -10.67 -13.61
N ASP A 381 37.95 -10.80 -13.95
CA ASP A 381 38.40 -11.37 -15.23
C ASP A 381 39.47 -12.45 -14.93
N GLN A 382 39.92 -13.24 -15.92
CA GLN A 382 39.42 -13.26 -17.30
C GLN A 382 37.99 -13.71 -17.27
N ARG A 383 37.67 -14.52 -16.26
CA ARG A 383 36.35 -15.07 -16.01
C ARG A 383 35.52 -15.16 -17.27
N PRO A 384 35.61 -16.31 -17.95
CA PRO A 384 35.18 -16.54 -19.33
C PRO A 384 33.77 -16.04 -19.68
N GLU A 385 32.86 -16.04 -18.71
CA GLU A 385 31.47 -15.71 -19.03
C GLU A 385 31.14 -14.22 -19.05
N ASN A 386 32.14 -13.37 -18.85
CA ASN A 386 31.91 -11.93 -18.82
C ASN A 386 31.15 -11.40 -20.04
N TYR A 387 31.65 -11.70 -21.23
CA TYR A 387 31.09 -11.12 -22.43
C TYR A 387 29.70 -11.65 -22.72
N ARG A 388 29.51 -12.95 -22.46
CA ARG A 388 28.22 -13.60 -22.61
C ARG A 388 27.18 -12.91 -21.76
N GLU A 389 27.51 -12.72 -20.48
CA GLU A 389 26.62 -12.05 -19.56
C GLU A 389 26.42 -10.58 -19.93
N ALA A 390 27.48 -9.93 -20.39
CA ALA A 390 27.40 -8.52 -20.78
C ALA A 390 26.40 -8.28 -21.91
N LEU A 391 26.42 -9.13 -22.93
CA LEU A 391 25.54 -8.93 -24.09
C LEU A 391 24.07 -9.17 -23.71
N GLY A 392 23.83 -10.14 -22.84
CA GLY A 392 22.49 -10.41 -22.37
C GLY A 392 21.95 -9.22 -21.59
N ASP A 393 22.81 -8.64 -20.77
CA ASP A 393 22.41 -7.47 -19.97
C ASP A 393 22.15 -6.25 -20.84
N VAL A 394 22.94 -6.07 -21.90
CA VAL A 394 22.74 -4.97 -22.83
C VAL A 394 21.37 -5.08 -23.47
N VAL A 395 21.06 -6.26 -24.00
CA VAL A 395 19.80 -6.48 -24.70
C VAL A 395 18.61 -6.30 -23.75
N GLY A 396 18.68 -6.95 -22.59
CA GLY A 396 17.65 -6.83 -21.56
C GLY A 396 17.41 -5.43 -21.00
N ASP A 397 18.49 -4.74 -20.63
CA ASP A 397 18.39 -3.40 -20.06
C ASP A 397 17.81 -2.40 -21.05
N TYR A 398 18.25 -2.49 -22.29
CA TYR A 398 17.86 -1.53 -23.31
C TYR A 398 16.42 -1.73 -23.77
N ASN A 399 15.99 -2.98 -23.92
CA ASN A 399 14.65 -3.27 -24.43
C ASN A 399 13.53 -3.40 -23.38
N PHE A 400 13.90 -3.77 -22.16
CA PHE A 400 12.89 -4.11 -21.16
C PHE A 400 13.06 -3.34 -19.84
N ILE A 401 14.18 -3.55 -19.17
CA ILE A 401 14.32 -3.04 -17.81
C ILE A 401 14.37 -1.52 -17.72
N CYS A 402 15.24 -0.89 -18.48
CA CYS A 402 15.33 0.56 -18.43
C CYS A 402 14.06 1.32 -18.88
N PRO A 403 13.42 0.91 -19.99
CA PRO A 403 12.12 1.55 -20.28
C PRO A 403 11.03 1.31 -19.21
N ALA A 404 10.89 0.09 -18.70
CA ALA A 404 9.95 -0.18 -17.61
C ALA A 404 10.17 0.72 -16.41
N LEU A 405 11.44 0.96 -16.06
CA LEU A 405 11.76 1.85 -14.93
C LEU A 405 11.44 3.28 -15.25
N GLU A 406 11.76 3.68 -16.47
CA GLU A 406 11.54 5.07 -16.90
C GLU A 406 10.06 5.39 -16.98
N PHE A 407 9.28 4.43 -17.48
CA PHE A 407 7.83 4.53 -17.53
C PHE A 407 7.21 4.71 -16.13
N THR A 408 7.59 3.84 -15.18
CA THR A 408 7.06 3.89 -13.81
C THR A 408 7.34 5.23 -13.11
N LYS A 409 8.59 5.63 -13.18
CA LYS A 409 9.04 6.93 -12.70
C LYS A 409 8.16 8.06 -13.23
N LYS A 410 7.94 8.10 -14.55
CA LYS A 410 7.23 9.21 -15.17
C LYS A 410 5.74 9.16 -14.89
N PHE A 411 5.23 7.93 -14.79
CA PHE A 411 3.83 7.74 -14.49
C PHE A 411 3.56 8.17 -13.03
N SER A 412 4.45 7.79 -12.12
CA SER A 412 4.24 8.14 -10.71
C SER A 412 4.39 9.64 -10.40
N GLU A 413 5.03 10.39 -11.27
CA GLU A 413 5.18 11.84 -11.01
C GLU A 413 3.83 12.57 -11.06
N TRP A 414 2.82 11.92 -11.63
CA TRP A 414 1.49 12.51 -11.72
C TRP A 414 0.52 12.14 -10.57
N GLY A 415 1.03 11.41 -9.58
CA GLY A 415 0.35 11.26 -8.29
C GLY A 415 -0.32 9.95 -7.94
N ASN A 416 -0.25 8.94 -8.79
CA ASN A 416 -0.84 7.65 -8.49
C ASN A 416 0.18 6.67 -7.96
N ASN A 417 -0.31 5.72 -7.17
CA ASN A 417 0.56 4.73 -6.57
C ASN A 417 1.09 3.76 -7.62
N ALA A 418 2.40 3.60 -7.66
CA ALA A 418 3.04 2.65 -8.57
C ALA A 418 3.87 1.67 -7.75
N PHE A 419 3.86 0.40 -8.13
CA PHE A 419 4.60 -0.62 -7.41
C PHE A 419 5.50 -1.37 -8.38
N PHE A 420 6.78 -1.49 -8.05
CA PHE A 420 7.73 -2.11 -8.96
C PHE A 420 8.33 -3.38 -8.39
N TYR A 421 8.38 -4.43 -9.19
CA TYR A 421 9.01 -5.68 -8.77
C TYR A 421 10.20 -6.07 -9.63
N TYR A 422 11.07 -6.90 -9.07
CA TYR A 422 12.20 -7.47 -9.78
C TYR A 422 12.18 -8.98 -9.56
N PHE A 423 11.71 -9.73 -10.55
CA PHE A 423 11.55 -11.18 -10.42
C PHE A 423 12.88 -11.87 -10.68
N GLU A 424 13.34 -12.63 -9.70
CA GLU A 424 14.70 -13.18 -9.69
C GLU A 424 14.76 -14.70 -9.56
N HIS A 425 13.64 -15.38 -9.70
CA HIS A 425 13.67 -16.82 -9.50
C HIS A 425 13.69 -17.54 -10.83
N ARG A 426 14.60 -18.51 -10.97
CA ARG A 426 14.63 -19.35 -12.16
C ARG A 426 13.89 -20.67 -11.92
N SER A 427 12.81 -20.87 -12.69
CA SER A 427 11.99 -22.08 -12.58
C SER A 427 12.81 -23.36 -12.64
N SER A 428 12.50 -24.28 -11.74
CA SER A 428 13.20 -25.55 -11.69
C SER A 428 12.88 -26.41 -12.92
N LYS A 429 11.85 -26.00 -13.66
CA LYS A 429 11.42 -26.72 -14.86
C LYS A 429 11.75 -25.99 -16.15
N LEU A 430 12.42 -24.84 -16.05
CA LEU A 430 12.90 -24.10 -17.22
C LEU A 430 13.72 -25.04 -18.12
N PRO A 431 13.29 -25.21 -19.39
CA PRO A 431 13.90 -26.11 -20.39
C PRO A 431 15.16 -25.55 -21.05
N TRP A 432 15.30 -24.22 -21.01
CA TRP A 432 16.49 -23.53 -21.51
C TRP A 432 17.71 -23.75 -20.60
N PRO A 433 18.92 -23.63 -21.17
CA PRO A 433 20.12 -23.88 -20.36
C PRO A 433 20.27 -22.92 -19.16
N GLU A 434 21.21 -23.21 -18.27
CA GLU A 434 21.40 -22.42 -17.06
C GLU A 434 21.87 -21.01 -17.39
N TRP A 435 22.72 -20.88 -18.40
CA TRP A 435 23.32 -19.58 -18.72
C TRP A 435 22.32 -18.50 -19.09
N MET A 436 21.09 -18.91 -19.42
CA MET A 436 20.07 -17.96 -19.84
C MET A 436 19.31 -17.42 -18.63
N GLY A 437 19.58 -18.02 -17.46
CA GLY A 437 19.11 -17.46 -16.20
C GLY A 437 17.60 -17.26 -16.10
N VAL A 438 17.19 -16.16 -15.47
CA VAL A 438 15.78 -15.87 -15.23
C VAL A 438 15.16 -15.19 -16.46
N MET A 439 14.64 -16.00 -17.36
CA MET A 439 14.30 -15.55 -18.70
C MET A 439 13.00 -14.77 -18.82
N HIS A 440 12.96 -13.96 -19.87
CA HIS A 440 11.75 -13.33 -20.39
C HIS A 440 10.60 -14.32 -20.48
N GLY A 441 9.44 -13.94 -19.97
CA GLY A 441 8.28 -14.81 -20.01
C GLY A 441 8.21 -15.91 -18.96
N TYR A 442 9.25 -16.12 -18.17
CA TYR A 442 9.24 -17.24 -17.24
C TYR A 442 8.87 -16.90 -15.79
N GLU A 443 8.28 -15.72 -15.62
CA GLU A 443 7.59 -15.37 -14.40
C GLU A 443 6.10 -15.70 -14.56
N ILE A 444 5.66 -15.82 -15.81
CA ILE A 444 4.24 -15.98 -16.12
C ILE A 444 3.60 -17.20 -15.47
N GLU A 445 4.30 -18.32 -15.56
CA GLU A 445 3.82 -19.55 -14.95
C GLU A 445 3.61 -19.40 -13.43
N PHE A 446 4.39 -18.51 -12.81
CA PHE A 446 4.25 -18.25 -11.37
C PHE A 446 3.08 -17.33 -11.06
N VAL A 447 2.92 -16.30 -11.85
CA VAL A 447 1.77 -15.40 -11.77
C VAL A 447 0.42 -16.12 -11.91
N PHE A 448 0.35 -17.15 -12.77
CA PHE A 448 -0.91 -17.87 -13.04
C PHE A 448 -1.09 -19.06 -12.11
N GLY A 449 -0.08 -19.33 -11.28
CA GLY A 449 -0.27 -20.23 -10.18
C GLY A 449 0.00 -21.68 -10.48
N LEU A 450 0.60 -21.94 -11.65
CA LEU A 450 0.93 -23.31 -12.02
C LEU A 450 1.73 -24.09 -10.95
N PRO A 451 2.66 -23.43 -10.22
CA PRO A 451 3.32 -24.23 -9.19
C PRO A 451 2.43 -24.61 -8.01
N LEU A 452 1.19 -24.14 -7.96
CA LEU A 452 0.28 -24.55 -6.88
C LEU A 452 -0.20 -25.98 -7.05
N GLU A 453 -0.06 -26.51 -8.26
CA GLU A 453 -0.52 -27.87 -8.58
C GLU A 453 0.56 -28.89 -8.18
N ARG A 454 0.33 -29.59 -7.09
CA ARG A 454 1.37 -30.45 -6.53
C ARG A 454 1.76 -31.62 -7.43
N ARG A 455 0.87 -32.06 -8.29
CA ARG A 455 1.19 -33.12 -9.24
C ARG A 455 2.13 -32.68 -10.37
N ASP A 456 2.74 -31.49 -10.27
CA ASP A 456 3.42 -30.84 -11.40
C ASP A 456 4.97 -30.76 -11.31
N ASN A 457 5.56 -31.32 -10.25
CA ASN A 457 7.04 -31.35 -10.10
C ASN A 457 7.76 -30.01 -9.83
N TYR A 458 7.05 -28.98 -9.39
CA TYR A 458 7.73 -27.77 -8.89
C TYR A 458 8.19 -28.03 -7.45
N THR A 459 9.12 -27.24 -6.95
CA THR A 459 9.51 -27.41 -5.54
C THR A 459 8.51 -26.72 -4.65
N LYS A 460 8.49 -27.16 -3.40
CA LYS A 460 7.69 -26.55 -2.33
C LYS A 460 7.92 -25.04 -2.28
N ALA A 461 9.19 -24.67 -2.36
CA ALA A 461 9.59 -23.27 -2.36
C ALA A 461 8.99 -22.50 -3.55
N GLU A 462 8.83 -23.17 -4.69
CA GLU A 462 8.24 -22.52 -5.86
C GLU A 462 6.74 -22.38 -5.68
N GLU A 463 6.15 -23.37 -5.05
CA GLU A 463 4.74 -23.24 -4.67
C GLU A 463 4.53 -22.05 -3.72
N ILE A 464 5.37 -21.93 -2.70
CA ILE A 464 5.21 -20.84 -1.74
C ILE A 464 5.35 -19.47 -2.44
N LEU A 465 6.37 -19.34 -3.26
CA LEU A 465 6.57 -18.13 -4.06
C LEU A 465 5.37 -17.79 -4.93
N SER A 466 4.83 -18.80 -5.63
CA SER A 466 3.73 -18.58 -6.55
C SER A 466 2.45 -18.23 -5.80
N ARG A 467 2.21 -18.93 -4.69
CA ARG A 467 1.06 -18.63 -3.83
CA ARG A 467 1.07 -18.64 -3.82
C ARG A 467 1.09 -17.18 -3.37
N SER A 468 2.29 -16.67 -3.14
CA SER A 468 2.50 -15.31 -2.68
C SER A 468 2.33 -14.25 -3.79
N ILE A 469 2.83 -14.56 -4.99
CA ILE A 469 2.66 -13.69 -6.16
C ILE A 469 1.17 -13.65 -6.59
N VAL A 470 0.51 -14.79 -6.52
CA VAL A 470 -0.92 -14.88 -6.82
C VAL A 470 -1.75 -14.03 -5.85
N LYS A 471 -1.39 -14.08 -4.58
CA LYS A 471 -2.06 -13.27 -3.56
C LYS A 471 -1.85 -11.77 -3.81
N ARG A 472 -0.61 -11.36 -4.08
CA ARG A 472 -0.33 -9.93 -4.27
C ARG A 472 -0.96 -9.35 -5.57
N TRP A 473 -0.92 -10.10 -6.67
CA TRP A 473 -1.61 -9.68 -7.89
C TRP A 473 -3.10 -9.54 -7.63
N ALA A 474 -3.69 -10.57 -7.03
CA ALA A 474 -5.11 -10.53 -6.73
C ALA A 474 -5.48 -9.38 -5.77
N ASN A 475 -4.69 -9.20 -4.72
CA ASN A 475 -4.85 -8.04 -3.84
C ASN A 475 -4.70 -6.70 -4.56
N PHE A 476 -3.73 -6.60 -5.47
CA PHE A 476 -3.58 -5.39 -6.26
C PHE A 476 -4.84 -5.12 -7.09
N ALA A 477 -5.38 -6.17 -7.70
CA ALA A 477 -6.55 -6.04 -8.55
C ALA A 477 -7.74 -5.55 -7.73
N LYS A 478 -7.99 -6.25 -6.62
CA LYS A 478 -9.08 -5.92 -5.71
C LYS A 478 -8.94 -4.57 -5.00
N TYR A 479 -7.74 -4.22 -4.55
CA TYR A 479 -7.57 -3.07 -3.65
C TYR A 479 -6.63 -1.95 -4.12
N GLY A 480 -5.91 -2.16 -5.22
CA GLY A 480 -4.94 -1.17 -5.69
C GLY A 480 -3.64 -1.18 -4.90
N ASN A 481 -3.51 -2.19 -4.04
CA ASN A 481 -2.38 -2.36 -3.16
C ASN A 481 -1.99 -3.82 -3.25
N PRO A 482 -0.75 -4.11 -3.66
CA PRO A 482 -0.37 -5.51 -3.83
C PRO A 482 0.16 -6.08 -2.51
N ASN A 483 -0.65 -5.98 -1.46
CA ASN A 483 -0.31 -6.58 -0.16
C ASN A 483 -0.51 -8.10 -0.15
N GLU A 484 0.06 -8.74 0.85
CA GLU A 484 -0.12 -10.17 1.01
C GLU A 484 -0.97 -10.36 2.22
N THR A 485 -0.36 -10.16 3.37
CA THR A 485 -1.09 -10.09 4.62
C THR A 485 -0.62 -8.87 5.39
N GLN A 486 -1.46 -8.41 6.30
CA GLN A 486 -0.99 -7.51 7.34
C GLN A 486 -0.43 -8.52 8.33
N ASN A 487 0.77 -8.27 8.84
CA ASN A 487 1.47 -9.20 9.75
C ASN A 487 2.23 -10.35 9.04
N ASN A 488 3.47 -10.54 9.48
CA ASN A 488 4.39 -11.53 8.92
C ASN A 488 4.68 -11.39 7.42
N SER A 489 4.43 -10.21 6.89
CA SER A 489 4.64 -9.99 5.47
C SER A 489 5.54 -8.80 5.20
N THR A 490 6.48 -8.96 4.29
CA THR A 490 7.27 -7.82 3.83
C THR A 490 6.37 -6.88 3.03
N SER A 491 6.29 -5.64 3.47
CA SER A 491 5.52 -4.64 2.77
C SER A 491 6.20 -4.16 1.47
N TRP A 492 5.38 -4.02 0.44
CA TRP A 492 5.78 -3.52 -0.87
C TRP A 492 5.49 -2.03 -0.92
N PRO A 493 6.53 -1.19 -0.79
CA PRO A 493 6.34 0.28 -0.80
C PRO A 493 6.11 0.87 -2.20
N VAL A 494 5.57 2.09 -2.26
CA VAL A 494 5.34 2.73 -3.54
C VAL A 494 6.63 3.14 -4.19
N PHE A 495 6.60 3.17 -5.52
CA PHE A 495 7.71 3.63 -6.33
C PHE A 495 7.59 5.15 -6.50
N LYS A 496 8.53 5.87 -5.93
CA LYS A 496 8.60 7.32 -6.01
C LYS A 496 9.88 7.68 -6.74
N SER A 497 9.83 8.75 -7.54
CA SER A 497 10.96 9.12 -8.41
C SER A 497 12.25 9.44 -7.64
N THR A 498 12.12 9.83 -6.38
CA THR A 498 13.30 10.03 -5.54
C THR A 498 13.95 8.71 -5.09
N GLU A 499 13.27 7.97 -4.23
CA GLU A 499 13.85 6.75 -3.69
C GLU A 499 13.83 5.57 -4.67
N GLN A 500 12.79 5.49 -5.50
CA GLN A 500 12.68 4.39 -6.49
C GLN A 500 12.81 2.99 -5.87
N LYS A 501 12.09 2.77 -4.78
CA LYS A 501 12.03 1.48 -4.13
C LYS A 501 11.32 0.43 -4.95
N TYR A 502 11.85 -0.77 -4.93
CA TYR A 502 11.18 -1.89 -5.56
C TYR A 502 11.31 -3.14 -4.68
N LEU A 503 10.53 -4.17 -5.02
CA LEU A 503 10.49 -5.41 -4.26
C LEU A 503 11.09 -6.56 -5.09
N THR A 504 12.04 -7.29 -4.50
CA THR A 504 12.62 -8.44 -5.18
C THR A 504 11.70 -9.64 -4.95
N LEU A 505 11.56 -10.49 -5.96
CA LEU A 505 10.69 -11.66 -5.85
C LEU A 505 11.51 -12.90 -6.11
N ASN A 506 11.71 -13.69 -5.07
CA ASN A 506 12.40 -14.94 -5.21
C ASN A 506 12.12 -15.84 -4.01
N THR A 507 12.70 -17.03 -4.00
CA THR A 507 12.41 -18.02 -2.97
C THR A 507 13.28 -17.87 -1.72
N GLU A 508 14.46 -17.27 -1.85
CA GLU A 508 15.32 -17.06 -0.69
C GLU A 508 14.67 -16.10 0.29
N SER A 509 14.59 -14.84 -0.10
CA SER A 509 13.96 -13.83 0.73
C SER A 509 13.56 -12.65 -0.10
N THR A 510 12.35 -12.14 0.11
CA THR A 510 11.92 -10.95 -0.60
C THR A 510 12.25 -9.69 0.19
N ARG A 511 12.81 -8.70 -0.49
CA ARG A 511 13.24 -7.50 0.20
C ARG A 511 13.12 -6.25 -0.65
N ILE A 512 13.23 -5.11 0.03
CA ILE A 512 13.04 -3.82 -0.57
C ILE A 512 14.40 -3.27 -0.94
N MET A 513 14.54 -2.86 -2.19
CA MET A 513 15.79 -2.28 -2.66
C MET A 513 15.51 -0.97 -3.35
N THR A 514 16.57 -0.30 -3.78
CA THR A 514 16.41 1.01 -4.38
C THR A 514 17.18 1.14 -5.69
N LYS A 515 16.64 1.95 -6.61
CA LYS A 515 17.32 2.37 -7.83
C LYS A 515 17.90 1.21 -8.63
N LEU A 516 17.02 0.33 -9.09
CA LEU A 516 17.41 -0.85 -9.87
C LEU A 516 18.24 -0.50 -11.12
N ARG A 517 19.43 -1.10 -11.23
CA ARG A 517 20.35 -0.92 -12.36
C ARG A 517 20.48 0.56 -12.80
N ALA A 518 20.51 1.44 -11.81
CA ALA A 518 20.50 2.89 -12.04
C ALA A 518 21.66 3.35 -12.88
N GLN A 519 22.79 2.68 -12.71
CA GLN A 519 24.00 3.04 -13.43
C GLN A 519 23.91 2.61 -14.89
N GLN A 520 23.33 1.44 -15.14
CA GLN A 520 23.09 0.98 -16.52
C GLN A 520 21.99 1.78 -17.23
N CYS A 521 20.91 2.08 -16.52
CA CYS A 521 19.78 2.78 -17.12
C CYS A 521 20.09 4.25 -17.37
N ARG A 522 20.93 4.80 -16.52
CA ARG A 522 21.39 6.17 -16.73
C ARG A 522 22.00 6.31 -18.13
N PHE A 523 22.73 5.28 -18.56
CA PHE A 523 23.33 5.26 -19.88
C PHE A 523 22.27 5.23 -21.01
N TRP A 524 21.22 4.43 -20.83
CA TRP A 524 20.24 4.27 -21.88
C TRP A 524 19.26 5.43 -22.02
N THR A 525 18.98 6.16 -20.94
CA THR A 525 18.06 7.29 -21.01
C THR A 525 18.75 8.62 -21.24
N SER A 526 19.99 8.75 -20.77
CA SER A 526 20.65 10.06 -20.79
C SER A 526 21.92 10.17 -21.63
N PHE A 527 22.44 9.05 -22.12
CA PHE A 527 23.58 9.15 -23.04
C PHE A 527 23.30 8.59 -24.43
N PHE A 528 22.85 7.33 -24.49
CA PHE A 528 22.56 6.67 -25.76
C PHE A 528 21.74 7.48 -26.79
N PRO A 529 20.68 8.18 -26.36
CA PRO A 529 19.93 8.99 -27.34
C PRO A 529 20.79 9.99 -28.09
N LYS A 530 21.75 10.59 -27.41
CA LYS A 530 22.59 11.60 -28.03
C LYS A 530 23.63 10.96 -28.95
N VAL A 531 23.63 9.63 -28.99
CA VAL A 531 24.60 8.92 -29.80
C VAL A 531 24.08 8.70 -31.21
N ILE B 6 -30.12 -8.76 25.14
CA ILE B 6 -29.60 -7.61 25.88
C ILE B 6 -29.62 -6.36 25.01
N ILE B 7 -30.71 -5.61 25.11
CA ILE B 7 -30.99 -4.52 24.18
C ILE B 7 -31.16 -3.19 24.89
N ILE B 8 -30.66 -2.12 24.26
CA ILE B 8 -30.73 -0.77 24.83
C ILE B 8 -31.18 0.26 23.80
N ALA B 9 -32.17 1.08 24.17
CA ALA B 9 -32.65 2.14 23.29
C ALA B 9 -31.84 3.43 23.45
N THR B 10 -31.04 3.77 22.44
CA THR B 10 -30.35 5.03 22.45
C THR B 10 -31.27 6.09 21.84
N LYS B 11 -30.77 7.32 21.71
CA LYS B 11 -31.55 8.40 21.12
C LYS B 11 -31.67 8.24 19.60
N ASN B 12 -30.95 7.27 19.05
CA ASN B 12 -30.95 7.03 17.62
C ASN B 12 -31.54 5.67 17.24
N GLY B 13 -31.77 4.83 18.24
CA GLY B 13 -32.31 3.50 18.01
C GLY B 13 -31.83 2.46 19.01
N LYS B 14 -32.31 1.23 18.85
CA LYS B 14 -31.92 0.14 19.73
C LYS B 14 -30.59 -0.48 19.31
N VAL B 15 -29.84 -1.00 20.27
CA VAL B 15 -28.60 -1.74 19.98
C VAL B 15 -28.56 -3.07 20.76
N ARG B 16 -28.26 -4.14 20.05
CA ARG B 16 -28.14 -5.44 20.70
C ARG B 16 -26.70 -5.61 21.15
N GLY B 17 -26.52 -6.11 22.36
CA GLY B 17 -25.20 -6.34 22.90
C GLY B 17 -24.92 -7.82 23.11
N MET B 18 -23.78 -8.12 23.74
CA MET B 18 -23.41 -9.50 24.00
C MET B 18 -22.96 -9.65 25.43
N ASN B 19 -23.23 -10.80 26.03
CA ASN B 19 -22.78 -11.09 27.38
C ASN B 19 -21.40 -11.71 27.37
N LEU B 20 -20.48 -11.07 28.08
CA LEU B 20 -19.14 -11.61 28.27
C LEU B 20 -19.05 -12.22 29.67
N THR B 21 -18.36 -13.34 29.79
CA THR B 21 -18.09 -13.91 31.10
C THR B 21 -16.70 -13.47 31.52
N VAL B 22 -16.63 -12.63 32.54
CA VAL B 22 -15.34 -12.13 33.04
C VAL B 22 -15.10 -12.42 34.54
N PHE B 23 -14.10 -13.25 34.82
CA PHE B 23 -13.71 -13.58 36.20
C PHE B 23 -14.86 -14.19 36.99
N GLY B 24 -15.65 -15.04 36.33
CA GLY B 24 -16.76 -15.69 37.00
C GLY B 24 -18.02 -14.86 36.98
N GLY B 25 -17.85 -13.55 36.86
CA GLY B 25 -18.97 -12.65 36.75
C GLY B 25 -19.32 -12.43 35.29
N THR B 26 -20.15 -11.42 35.05
CA THR B 26 -20.58 -11.10 33.70
C THR B 26 -20.36 -9.62 33.43
N VAL B 27 -19.93 -9.32 32.21
CA VAL B 27 -19.89 -7.95 31.75
C VAL B 27 -20.69 -7.91 30.45
N THR B 28 -21.46 -6.84 30.25
CA THR B 28 -22.19 -6.69 29.02
C THR B 28 -21.44 -5.76 28.07
N ALA B 29 -21.17 -6.22 26.85
CA ALA B 29 -20.44 -5.40 25.90
C ALA B 29 -21.26 -5.01 24.67
N PHE B 30 -21.06 -3.77 24.22
CA PHE B 30 -21.70 -3.26 23.02
C PHE B 30 -20.61 -2.74 22.10
N LEU B 31 -20.18 -3.56 21.14
CA LEU B 31 -19.07 -3.19 20.26
C LEU B 31 -19.52 -2.62 18.90
N GLY B 32 -18.94 -1.48 18.53
CA GLY B 32 -19.22 -0.90 17.22
C GLY B 32 -20.60 -0.28 17.09
N ILE B 33 -20.92 0.64 17.99
CA ILE B 33 -22.11 1.45 17.83
C ILE B 33 -21.74 2.67 16.98
N PRO B 34 -22.50 2.95 15.92
CA PRO B 34 -22.14 4.14 15.16
C PRO B 34 -22.50 5.39 15.95
N TYR B 35 -21.64 6.41 15.89
CA TYR B 35 -21.91 7.67 16.59
C TYR B 35 -21.91 8.90 15.68
N ALA B 36 -21.49 8.71 14.43
CA ALA B 36 -21.60 9.74 13.40
C ALA B 36 -21.90 9.10 12.06
N GLN B 37 -22.22 9.93 11.06
CA GLN B 37 -22.38 9.46 9.69
C GLN B 37 -21.03 9.08 9.11
N PRO B 38 -20.98 8.02 8.30
CA PRO B 38 -19.72 7.60 7.67
C PRO B 38 -19.10 8.72 6.84
N PRO B 39 -17.89 9.15 7.21
CA PRO B 39 -17.23 10.29 6.55
C PRO B 39 -16.74 9.98 5.12
N LEU B 40 -17.66 9.63 4.22
CA LEU B 40 -17.31 9.20 2.87
C LEU B 40 -17.72 10.22 1.81
N GLY B 41 -17.09 10.12 0.64
CA GLY B 41 -17.46 10.95 -0.51
C GLY B 41 -17.28 12.43 -0.27
N ARG B 42 -18.38 13.18 -0.38
CA ARG B 42 -18.35 14.61 -0.13
C ARG B 42 -17.98 14.91 1.32
N LEU B 43 -18.11 13.91 2.19
CA LEU B 43 -17.89 14.08 3.62
C LEU B 43 -16.44 13.85 4.10
N ARG B 44 -15.56 13.39 3.21
CA ARG B 44 -14.17 13.20 3.59
C ARG B 44 -13.52 14.56 3.82
N PHE B 45 -12.74 14.66 4.91
CA PHE B 45 -12.06 15.87 5.36
C PHE B 45 -12.94 16.85 6.15
N LYS B 46 -14.27 16.70 6.08
CA LYS B 46 -15.20 17.53 6.85
C LYS B 46 -15.38 17.06 8.30
N LYS B 47 -15.86 17.94 9.17
CA LYS B 47 -16.20 17.59 10.55
C LYS B 47 -17.31 16.54 10.58
N PRO B 48 -17.35 15.70 11.63
CA PRO B 48 -18.33 14.61 11.68
C PRO B 48 -19.77 15.12 11.75
N GLN B 49 -20.63 14.57 10.88
CA GLN B 49 -22.03 14.96 10.84
C GLN B 49 -22.80 14.10 11.81
N SER B 50 -23.67 14.73 12.58
CA SER B 50 -24.54 14.03 13.52
C SER B 50 -25.34 12.93 12.82
N LEU B 51 -25.65 11.88 13.56
CA LEU B 51 -26.29 10.69 12.99
C LEU B 51 -27.80 10.82 13.04
N THR B 52 -28.50 10.13 12.14
CA THR B 52 -29.97 10.11 12.17
C THR B 52 -30.50 8.71 12.50
N LYS B 53 -31.71 8.66 13.07
CA LYS B 53 -32.32 7.43 13.58
C LYS B 53 -32.28 6.24 12.59
N TRP B 54 -32.30 5.01 13.12
CA TRP B 54 -32.37 3.82 12.27
C TRP B 54 -33.51 2.89 12.68
N SER B 55 -34.15 2.28 11.68
CA SER B 55 -35.38 1.50 11.88
C SER B 55 -35.19 0.26 12.75
N ASP B 56 -34.45 -0.72 12.24
CA ASP B 56 -34.31 -2.00 12.93
C ASP B 56 -33.35 -1.90 14.11
N ILE B 57 -32.79 -3.03 14.50
CA ILE B 57 -31.85 -3.07 15.61
C ILE B 57 -30.43 -3.23 15.12
N TRP B 58 -29.54 -2.38 15.61
CA TRP B 58 -28.13 -2.48 15.32
C TRP B 58 -27.51 -3.56 16.18
N ASN B 59 -26.85 -4.51 15.54
CA ASN B 59 -26.13 -5.54 16.28
C ASN B 59 -24.77 -5.03 16.69
N ALA B 60 -24.63 -4.70 17.97
CA ALA B 60 -23.35 -4.22 18.49
C ALA B 60 -22.59 -5.38 19.10
N THR B 61 -22.27 -6.36 18.26
CA THR B 61 -21.70 -7.61 18.74
C THR B 61 -20.32 -7.91 18.20
N LYS B 62 -19.73 -7.00 17.44
CA LYS B 62 -18.35 -7.18 17.03
C LYS B 62 -17.71 -5.83 16.80
N TYR B 63 -16.42 -5.73 17.11
CA TYR B 63 -15.67 -4.50 16.84
C TYR B 63 -15.88 -4.00 15.42
N ALA B 64 -15.89 -2.68 15.26
CA ALA B 64 -16.10 -2.08 13.94
C ALA B 64 -14.80 -1.97 13.12
N ASN B 65 -14.93 -1.37 11.95
CA ASN B 65 -13.78 -1.12 11.11
C ASN B 65 -12.86 -0.17 11.82
N SER B 66 -11.56 -0.41 11.71
CA SER B 66 -10.60 0.60 12.12
C SER B 66 -10.46 1.64 11.00
N CYS B 67 -10.15 2.86 11.39
CA CYS B 67 -9.91 3.98 10.50
C CYS B 67 -8.65 3.81 9.68
N CYS B 68 -8.72 4.29 8.43
CA CYS B 68 -7.62 4.20 7.48
C CYS B 68 -6.33 4.72 8.07
N GLN B 69 -5.27 3.95 7.90
CA GLN B 69 -3.98 4.31 8.49
C GLN B 69 -2.87 3.44 7.93
N ASN B 70 -1.67 3.98 7.93
CA ASN B 70 -0.50 3.17 7.64
C ASN B 70 -0.25 2.11 8.72
N ILE B 71 0.23 0.95 8.29
CA ILE B 71 0.51 -0.17 9.19
C ILE B 71 2.01 -0.23 9.45
N ASP B 72 2.39 -0.51 10.69
CA ASP B 72 3.79 -0.69 11.03
C ASP B 72 4.24 -2.11 10.66
N GLN B 73 5.05 -2.19 9.61
CA GLN B 73 5.56 -3.46 9.13
C GLN B 73 7.08 -3.49 9.07
N SER B 74 7.71 -2.70 9.94
CA SER B 74 9.17 -2.72 10.11
C SER B 74 9.72 -4.08 10.58
N PHE B 75 8.96 -4.80 11.41
CA PHE B 75 9.39 -6.12 11.87
C PHE B 75 8.31 -7.18 11.67
N PRO B 76 8.21 -7.73 10.46
CA PRO B 76 7.21 -8.76 10.14
C PRO B 76 7.26 -9.95 11.08
N GLY B 77 6.12 -10.25 11.71
CA GLY B 77 6.01 -11.42 12.57
C GLY B 77 6.42 -11.19 14.01
N PHE B 78 6.74 -9.94 14.35
CA PHE B 78 7.20 -9.58 15.69
C PHE B 78 6.07 -8.98 16.51
N HIS B 79 5.75 -9.66 17.61
CA HIS B 79 4.61 -9.29 18.45
C HIS B 79 4.72 -7.89 19.03
N GLY B 80 5.94 -7.45 19.30
CA GLY B 80 6.14 -6.13 19.85
C GLY B 80 5.68 -4.99 18.96
N SER B 81 5.87 -5.12 17.65
CA SER B 81 5.39 -4.07 16.74
C SER B 81 3.96 -4.36 16.30
N GLU B 82 3.63 -5.63 16.07
CA GLU B 82 2.33 -5.97 15.49
C GLU B 82 1.15 -5.80 16.43
N MET B 83 1.42 -5.81 17.74
CA MET B 83 0.34 -5.65 18.71
C MET B 83 -0.32 -4.27 18.64
N TRP B 84 0.31 -3.33 17.95
CA TRP B 84 -0.25 -1.98 17.86
C TRP B 84 -1.02 -1.77 16.56
N ASN B 85 -0.86 -2.71 15.63
CA ASN B 85 -1.54 -2.63 14.34
C ASN B 85 -3.01 -2.97 14.54
N PRO B 86 -3.88 -2.41 13.67
CA PRO B 86 -5.33 -2.64 13.76
C PRO B 86 -5.68 -4.11 13.61
N ASN B 87 -6.68 -4.56 14.35
CA ASN B 87 -7.07 -5.96 14.35
C ASN B 87 -8.41 -6.20 13.68
N THR B 88 -8.99 -5.13 13.13
CA THR B 88 -10.15 -5.23 12.27
C THR B 88 -9.85 -4.54 10.94
N ASP B 89 -10.71 -4.72 9.93
CA ASP B 89 -10.46 -4.14 8.61
C ASP B 89 -10.34 -2.61 8.62
N LEU B 90 -9.47 -2.08 7.76
CA LEU B 90 -9.39 -0.65 7.52
C LEU B 90 -10.54 -0.16 6.62
N SER B 91 -11.07 1.02 6.93
CA SER B 91 -12.13 1.61 6.11
C SER B 91 -12.29 3.06 6.54
N GLU B 92 -12.77 3.91 5.64
CA GLU B 92 -13.09 5.29 6.02
C GLU B 92 -14.39 5.27 6.82
N ASP B 93 -15.13 4.18 6.72
CA ASP B 93 -16.37 3.98 7.48
C ASP B 93 -15.99 3.40 8.83
N CYS B 94 -15.57 4.27 9.73
CA CYS B 94 -14.93 3.83 10.97
C CYS B 94 -15.36 4.59 12.23
N LEU B 95 -16.34 5.48 12.11
CA LEU B 95 -16.77 6.28 13.27
C LEU B 95 -17.71 5.50 14.17
N TYR B 96 -17.13 4.67 15.04
CA TYR B 96 -17.90 3.80 15.91
C TYR B 96 -17.32 3.81 17.32
N LEU B 97 -18.12 3.44 18.30
CA LEU B 97 -17.63 3.30 19.67
C LEU B 97 -18.10 2.03 20.39
N ASN B 98 -17.48 1.78 21.53
CA ASN B 98 -17.73 0.56 22.29
C ASN B 98 -18.12 0.91 23.71
N VAL B 99 -19.10 0.19 24.27
CA VAL B 99 -19.51 0.40 25.66
C VAL B 99 -19.47 -0.90 26.45
N TRP B 100 -18.77 -0.88 27.58
CA TRP B 100 -18.74 -2.04 28.47
C TRP B 100 -19.48 -1.72 29.76
N ILE B 101 -20.25 -2.70 30.24
CA ILE B 101 -21.13 -2.48 31.38
C ILE B 101 -21.13 -3.67 32.34
N PRO B 102 -21.00 -3.38 33.64
CA PRO B 102 -21.09 -4.40 34.70
C PRO B 102 -22.40 -5.16 34.66
N ALA B 103 -22.37 -6.39 35.15
CA ALA B 103 -23.59 -7.12 35.49
C ALA B 103 -23.50 -7.46 36.97
N PRO B 104 -24.57 -7.17 37.73
CA PRO B 104 -25.82 -6.54 37.28
C PRO B 104 -25.64 -5.07 36.90
N LYS B 105 -26.52 -4.58 36.02
CA LYS B 105 -26.43 -3.23 35.48
C LYS B 105 -26.51 -2.14 36.56
N PRO B 106 -25.52 -1.25 36.57
CA PRO B 106 -25.41 -0.18 37.58
C PRO B 106 -26.50 0.87 37.45
N LYS B 107 -26.57 1.77 38.41
CA LYS B 107 -27.67 2.73 38.49
C LYS B 107 -27.21 4.15 38.15
N ASN B 108 -25.98 4.49 38.51
CA ASN B 108 -25.44 5.81 38.22
C ASN B 108 -23.91 5.76 38.18
N ALA B 109 -23.38 4.83 37.37
CA ALA B 109 -21.97 4.49 37.40
C ALA B 109 -21.07 5.53 36.73
N THR B 110 -19.87 5.71 37.29
CA THR B 110 -18.85 6.56 36.68
C THR B 110 -18.48 5.99 35.30
N VAL B 111 -18.23 6.88 34.34
CA VAL B 111 -17.85 6.45 33.00
C VAL B 111 -16.40 6.82 32.71
N LEU B 112 -15.62 5.85 32.24
CA LEU B 112 -14.27 6.12 31.76
C LEU B 112 -14.26 6.07 30.25
N ILE B 113 -13.77 7.13 29.62
CA ILE B 113 -13.70 7.18 28.17
C ILE B 113 -12.25 7.12 27.69
N TRP B 114 -11.92 6.06 26.96
CA TRP B 114 -10.55 5.87 26.48
C TRP B 114 -10.37 6.48 25.08
N ILE B 115 -9.33 7.31 24.95
CA ILE B 115 -8.89 7.83 23.66
C ILE B 115 -7.50 7.27 23.35
N TYR B 116 -7.40 6.36 22.39
CA TYR B 116 -6.12 5.74 22.01
C TYR B 116 -5.09 6.73 21.42
N GLY B 117 -3.81 6.35 21.55
CA GLY B 117 -2.72 7.05 20.90
C GLY B 117 -2.30 6.39 19.61
N GLY B 118 -1.16 6.85 19.07
CA GLY B 118 -0.67 6.40 17.80
C GLY B 118 -0.18 7.55 16.93
N GLY B 119 0.27 8.60 17.61
CA GLY B 119 0.89 9.75 16.96
C GLY B 119 -0.06 10.53 16.06
N PHE B 120 -1.36 10.38 16.30
CA PHE B 120 -2.39 10.94 15.44
C PHE B 120 -2.37 10.37 14.00
N GLN B 121 -1.57 9.33 13.76
CA GLN B 121 -1.47 8.74 12.41
C GLN B 121 -1.99 7.30 12.40
N THR B 122 -2.13 6.71 13.59
CA THR B 122 -2.48 5.31 13.71
C THR B 122 -3.38 5.14 14.93
N GLY B 123 -3.79 3.91 15.18
CA GLY B 123 -4.48 3.56 16.40
C GLY B 123 -5.87 3.04 16.15
N THR B 124 -6.39 2.28 17.09
CA THR B 124 -7.77 1.79 17.03
C THR B 124 -8.26 1.36 18.40
N SER B 125 -9.57 1.44 18.62
CA SER B 125 -10.15 1.20 19.95
C SER B 125 -10.22 -0.29 20.24
N SER B 126 -10.04 -1.09 19.20
CA SER B 126 -10.31 -2.53 19.28
C SER B 126 -9.08 -3.38 19.64
N LEU B 127 -7.97 -2.74 19.98
CA LEU B 127 -6.79 -3.49 20.41
C LEU B 127 -7.08 -4.26 21.69
N HIS B 128 -6.40 -5.40 21.83
CA HIS B 128 -6.54 -6.26 22.98
C HIS B 128 -6.11 -5.55 24.27
N VAL B 129 -5.13 -4.64 24.17
CA VAL B 129 -4.66 -3.90 25.34
C VAL B 129 -5.60 -2.76 25.78
N TYR B 130 -6.72 -2.60 25.07
CA TYR B 130 -7.70 -1.57 25.40
C TYR B 130 -9.04 -2.21 25.74
N ASP B 131 -9.07 -3.53 25.85
CA ASP B 131 -10.26 -4.28 26.22
C ASP B 131 -10.77 -3.77 27.58
N GLY B 132 -11.89 -3.07 27.58
CA GLY B 132 -12.41 -2.48 28.81
C GLY B 132 -13.26 -3.41 29.68
N LYS B 133 -13.34 -4.69 29.33
CA LYS B 133 -14.22 -5.60 30.06
C LYS B 133 -13.74 -5.81 31.50
N PHE B 134 -12.43 -5.83 31.70
CA PHE B 134 -11.87 -6.08 33.03
C PHE B 134 -12.22 -4.97 34.02
N LEU B 135 -11.98 -3.72 33.63
CA LEU B 135 -12.36 -2.55 34.41
C LEU B 135 -13.83 -2.59 34.79
N ALA B 136 -14.68 -2.93 33.82
CA ALA B 136 -16.10 -2.97 34.06
C ALA B 136 -16.41 -4.00 35.16
N ARG B 137 -15.68 -5.11 35.12
CA ARG B 137 -15.91 -6.22 36.03
C ARG B 137 -15.39 -5.92 37.43
N VAL B 138 -14.16 -5.42 37.53
CA VAL B 138 -13.49 -5.26 38.82
C VAL B 138 -13.92 -4.00 39.56
N GLU B 139 -14.00 -2.87 38.85
CA GLU B 139 -14.33 -1.62 39.50
C GLU B 139 -15.76 -1.15 39.24
N ARG B 140 -16.49 -1.92 38.43
CA ARG B 140 -17.89 -1.62 38.15
C ARG B 140 -18.12 -0.21 37.60
N VAL B 141 -17.23 0.22 36.72
CA VAL B 141 -17.47 1.43 35.93
C VAL B 141 -17.98 1.03 34.55
N ILE B 142 -18.55 2.00 33.84
CA ILE B 142 -18.82 1.84 32.42
C ILE B 142 -17.60 2.37 31.65
N VAL B 143 -17.12 1.59 30.68
CA VAL B 143 -15.99 2.01 29.86
C VAL B 143 -16.42 2.20 28.41
N VAL B 144 -16.00 3.32 27.83
CA VAL B 144 -16.28 3.66 26.45
C VAL B 144 -14.98 3.94 25.71
N SER B 145 -14.94 3.57 24.44
CA SER B 145 -13.83 3.95 23.56
C SER B 145 -14.32 4.16 22.13
N MET B 146 -13.81 5.20 21.47
CA MET B 146 -14.20 5.49 20.09
C MET B 146 -13.05 5.32 19.12
N ASN B 147 -13.37 5.03 17.86
CA ASN B 147 -12.44 5.30 16.77
C ASN B 147 -12.60 6.72 16.27
N TYR B 148 -11.48 7.41 16.09
CA TYR B 148 -11.49 8.75 15.51
C TYR B 148 -10.54 8.74 14.32
N ARG B 149 -10.84 9.56 13.31
CA ARG B 149 -9.99 9.62 12.12
C ARG B 149 -8.56 10.03 12.42
N VAL B 150 -7.61 9.27 11.89
CA VAL B 150 -6.19 9.60 12.02
C VAL B 150 -5.55 10.02 10.69
N GLY B 151 -4.35 10.59 10.75
CA GLY B 151 -3.61 10.97 9.57
C GLY B 151 -4.22 12.14 8.83
N ALA B 152 -3.90 12.25 7.54
CA ALA B 152 -4.48 13.31 6.70
C ALA B 152 -6.01 13.31 6.80
N LEU B 153 -6.61 12.13 6.66
CA LEU B 153 -8.06 12.02 6.72
C LEU B 153 -8.62 12.63 8.01
N GLY B 154 -7.82 12.60 9.07
CA GLY B 154 -8.25 13.15 10.35
C GLY B 154 -7.80 14.58 10.62
N PHE B 155 -6.68 15.01 10.03
CA PHE B 155 -6.01 16.24 10.45
C PHE B 155 -5.47 17.14 9.31
N LEU B 156 -5.81 16.80 8.07
CA LEU B 156 -5.47 17.65 6.94
C LEU B 156 -6.12 18.99 7.18
N ALA B 157 -5.35 20.07 7.01
CA ALA B 157 -5.85 21.40 7.30
C ALA B 157 -5.52 22.42 6.21
N LEU B 158 -6.59 22.99 5.64
CA LEU B 158 -6.50 24.23 4.90
C LEU B 158 -7.19 25.29 5.75
N PRO B 159 -6.47 25.82 6.75
CA PRO B 159 -7.04 26.60 7.85
C PRO B 159 -7.98 27.71 7.41
N GLY B 160 -9.17 27.75 7.99
CA GLY B 160 -10.17 28.73 7.61
C GLY B 160 -11.17 28.22 6.59
N ASN B 161 -10.92 27.03 6.06
CA ASN B 161 -11.79 26.41 5.06
C ASN B 161 -12.62 25.27 5.66
N PRO B 162 -13.94 25.44 5.73
CA PRO B 162 -14.80 24.39 6.30
C PRO B 162 -14.76 23.05 5.54
N GLU B 163 -14.28 23.05 4.29
CA GLU B 163 -14.16 21.80 3.53
C GLU B 163 -13.00 20.90 3.98
N ALA B 164 -12.05 21.49 4.71
CA ALA B 164 -10.92 20.74 5.29
C ALA B 164 -10.29 21.57 6.42
N PRO B 165 -10.96 21.60 7.58
CA PRO B 165 -10.62 22.68 8.51
C PRO B 165 -9.50 22.36 9.48
N GLY B 166 -9.07 21.10 9.54
CA GLY B 166 -8.14 20.70 10.57
C GLY B 166 -8.87 20.16 11.79
N ASN B 167 -8.16 19.34 12.59
CA ASN B 167 -8.70 18.79 13.84
C ASN B 167 -9.96 17.95 13.68
N MET B 168 -10.19 17.39 12.50
CA MET B 168 -11.39 16.58 12.30
C MET B 168 -11.48 15.39 13.24
N GLY B 169 -10.35 14.73 13.51
CA GLY B 169 -10.29 13.61 14.43
C GLY B 169 -10.61 14.05 15.87
N LEU B 170 -10.19 15.26 16.22
CA LEU B 170 -10.55 15.83 17.52
C LEU B 170 -12.07 16.05 17.62
N PHE B 171 -12.70 16.47 16.53
CA PHE B 171 -14.14 16.65 16.55
C PHE B 171 -14.87 15.33 16.61
N ASP B 172 -14.26 14.31 16.02
CA ASP B 172 -14.75 12.93 16.13
C ASP B 172 -14.86 12.54 17.62
N GLN B 173 -13.76 12.71 18.34
CA GLN B 173 -13.73 12.38 19.75
C GLN B 173 -14.79 13.18 20.51
N GLN B 174 -14.88 14.47 20.17
CA GLN B 174 -15.82 15.36 20.86
C GLN B 174 -17.26 14.97 20.55
N LEU B 175 -17.48 14.46 19.35
CA LEU B 175 -18.81 13.98 18.98
C LEU B 175 -19.14 12.71 19.74
N ALA B 176 -18.14 11.85 19.94
CA ALA B 176 -18.34 10.64 20.74
C ALA B 176 -18.62 10.99 22.20
N LEU B 177 -17.98 12.04 22.71
CA LEU B 177 -18.26 12.52 24.06
C LEU B 177 -19.68 13.05 24.16
N GLN B 178 -20.14 13.69 23.10
CA GLN B 178 -21.49 14.24 23.03
C GLN B 178 -22.50 13.08 23.06
N TRP B 179 -22.12 11.97 22.44
CA TRP B 179 -22.97 10.78 22.38
C TRP B 179 -23.19 10.19 23.77
N VAL B 180 -22.12 10.12 24.54
CA VAL B 180 -22.16 9.62 25.90
C VAL B 180 -23.14 10.45 26.73
N GLN B 181 -23.02 11.76 26.63
CA GLN B 181 -23.88 12.68 27.36
C GLN B 181 -25.36 12.43 27.11
N LYS B 182 -25.71 12.20 25.86
CA LYS B 182 -27.10 12.00 25.46
C LYS B 182 -27.61 10.59 25.72
N ASN B 183 -26.70 9.62 25.80
CA ASN B 183 -27.07 8.22 25.75
C ASN B 183 -26.65 7.32 26.92
N ILE B 184 -25.68 7.75 27.73
CA ILE B 184 -25.09 6.83 28.71
C ILE B 184 -26.00 6.50 29.91
N ALA B 185 -26.96 7.37 30.21
CA ALA B 185 -27.89 7.08 31.29
C ALA B 185 -28.71 5.83 30.97
N ALA B 186 -28.93 5.59 29.68
CA ALA B 186 -29.70 4.45 29.19
C ALA B 186 -28.93 3.15 29.35
N PHE B 187 -27.64 3.29 29.64
CA PHE B 187 -26.76 2.14 29.84
C PHE B 187 -26.49 2.01 31.33
N GLY B 188 -27.05 2.92 32.12
CA GLY B 188 -26.87 2.90 33.55
C GLY B 188 -25.68 3.72 34.02
N GLY B 189 -25.17 4.58 33.15
CA GLY B 189 -24.06 5.45 33.48
C GLY B 189 -24.47 6.85 33.90
N ASN B 190 -23.59 7.52 34.66
CA ASN B 190 -23.83 8.88 35.11
C ASN B 190 -23.09 9.90 34.25
N PRO B 191 -23.83 10.59 33.39
CA PRO B 191 -23.25 11.55 32.44
C PRO B 191 -22.54 12.68 33.17
N LYS B 192 -22.90 12.86 34.43
CA LYS B 192 -22.36 13.93 35.25
C LYS B 192 -21.04 13.51 35.91
N SER B 193 -20.69 12.24 35.79
CA SER B 193 -19.40 11.75 36.29
C SER B 193 -18.62 10.99 35.22
N VAL B 194 -17.95 11.72 34.35
CA VAL B 194 -17.24 11.15 33.21
C VAL B 194 -15.78 11.55 33.19
N THR B 195 -14.88 10.57 33.25
CA THR B 195 -13.45 10.84 33.24
C THR B 195 -12.81 10.45 31.89
N LEU B 196 -12.08 11.38 31.27
CA LEU B 196 -11.34 11.07 30.03
C LEU B 196 -9.96 10.53 30.36
N PHE B 197 -9.59 9.41 29.74
CA PHE B 197 -8.20 8.96 29.77
C PHE B 197 -7.64 8.51 28.43
N GLY B 198 -6.34 8.73 28.23
CA GLY B 198 -5.66 8.26 27.06
C GLY B 198 -4.15 8.33 27.20
N GLU B 199 -3.46 7.78 26.20
CA GLU B 199 -2.01 7.63 26.25
C GLU B 199 -1.41 8.15 24.94
N SER B 200 -0.23 8.78 25.04
CA SER B 200 0.48 9.39 23.91
C SER B 200 -0.35 10.48 23.20
N ALA B 201 -0.71 10.26 21.95
CA ALA B 201 -1.55 11.24 21.26
C ALA B 201 -2.94 11.25 21.91
N GLY B 202 -3.28 10.15 22.58
CA GLY B 202 -4.49 10.06 23.37
C GLY B 202 -4.45 11.02 24.55
N ALA B 203 -3.34 11.03 25.27
CA ALA B 203 -3.17 12.00 26.37
C ALA B 203 -3.15 13.45 25.86
N ALA B 204 -2.47 13.70 24.75
CA ALA B 204 -2.43 15.05 24.18
C ALA B 204 -3.83 15.44 23.74
N SER B 205 -4.59 14.46 23.26
CA SER B 205 -5.98 14.69 22.93
C SER B 205 -6.79 15.10 24.17
N VAL B 206 -6.66 14.32 25.25
CA VAL B 206 -7.36 14.64 26.49
C VAL B 206 -7.05 16.06 26.94
N SER B 207 -5.76 16.40 26.94
CA SER B 207 -5.32 17.74 27.35
C SER B 207 -5.92 18.83 26.48
N LEU B 208 -6.09 18.56 25.19
CA LEU B 208 -6.73 19.54 24.31
C LEU B 208 -8.24 19.64 24.62
N HIS B 209 -8.82 18.58 25.16
CA HIS B 209 -10.22 18.63 25.56
C HIS B 209 -10.41 19.48 26.81
N LEU B 210 -9.34 19.68 27.57
CA LEU B 210 -9.38 20.59 28.72
C LEU B 210 -9.46 22.02 28.22
N LEU B 211 -9.02 22.25 26.98
CA LEU B 211 -8.95 23.59 26.40
C LEU B 211 -10.16 23.97 25.54
N SER B 212 -10.82 22.99 24.94
CA SER B 212 -11.87 23.29 23.97
C SER B 212 -13.22 23.54 24.64
N PRO B 213 -13.79 24.74 24.42
CA PRO B 213 -15.05 25.16 25.04
C PRO B 213 -16.21 24.22 24.67
N GLY B 214 -16.15 23.69 23.45
CA GLY B 214 -17.12 22.70 23.02
C GLY B 214 -17.03 21.39 23.79
N SER B 215 -15.90 21.15 24.45
CA SER B 215 -15.74 19.92 25.23
C SER B 215 -15.97 20.18 26.72
N HIS B 216 -16.15 21.44 27.09
CA HIS B 216 -16.23 21.83 28.51
C HIS B 216 -17.32 21.08 29.28
N SER B 217 -18.50 21.01 28.71
CA SER B 217 -19.64 20.36 29.37
C SER B 217 -19.73 18.85 29.14
N LEU B 218 -18.69 18.26 28.54
CA LEU B 218 -18.80 16.88 28.06
C LEU B 218 -18.07 15.83 28.91
N PHE B 219 -17.39 16.27 29.96
CA PHE B 219 -16.72 15.34 30.86
C PHE B 219 -16.41 15.99 32.22
N THR B 220 -15.77 15.24 33.10
CA THR B 220 -15.57 15.68 34.49
C THR B 220 -14.09 15.78 34.89
N ARG B 221 -13.36 14.68 34.74
CA ARG B 221 -11.96 14.65 35.10
C ARG B 221 -11.12 14.08 33.97
N ALA B 222 -9.80 14.14 34.12
CA ALA B 222 -8.90 13.76 33.02
C ALA B 222 -7.65 13.04 33.50
N ILE B 223 -7.29 11.99 32.79
CA ILE B 223 -6.11 11.19 33.07
C ILE B 223 -5.19 11.17 31.84
N LEU B 224 -3.96 11.63 32.03
CA LEU B 224 -3.05 11.80 30.91
C LEU B 224 -1.82 10.91 31.03
N GLN B 225 -1.78 9.84 30.26
CA GLN B 225 -0.66 8.90 30.29
C GLN B 225 0.37 9.15 29.16
N SER B 226 1.57 9.58 29.54
CA SER B 226 2.67 9.75 28.58
C SER B 226 2.36 10.69 27.42
N GLY B 227 1.80 11.87 27.70
CA GLY B 227 1.42 12.79 26.65
C GLY B 227 0.71 14.05 27.11
N SER B 228 0.95 15.14 26.39
CA SER B 228 0.23 16.38 26.59
C SER B 228 0.42 17.30 25.38
N PHE B 229 -0.48 18.27 25.23
CA PHE B 229 -0.47 19.13 24.07
C PHE B 229 0.80 19.98 23.93
N ASN B 230 1.53 20.16 25.03
CA ASN B 230 2.74 20.99 24.98
C ASN B 230 3.99 20.21 24.60
N ALA B 231 3.82 18.91 24.39
CA ALA B 231 4.90 18.10 23.87
C ALA B 231 5.25 18.65 22.49
N PRO B 232 6.53 18.55 22.09
CA PRO B 232 6.94 19.17 20.82
C PRO B 232 6.30 18.54 19.55
N TRP B 233 5.77 17.32 19.64
CA TRP B 233 5.11 16.69 18.50
C TRP B 233 3.59 16.92 18.43
N ALA B 234 3.00 17.55 19.43
CA ALA B 234 1.54 17.50 19.56
C ALA B 234 0.77 18.41 18.62
N VAL B 235 1.22 19.66 18.52
CA VAL B 235 0.49 20.68 17.79
C VAL B 235 1.32 21.27 16.67
N THR B 236 0.77 21.30 15.46
CA THR B 236 1.46 21.87 14.32
C THR B 236 1.00 23.30 14.08
N SER B 237 1.93 24.21 13.80
CA SER B 237 1.56 25.59 13.44
C SER B 237 0.80 25.64 12.11
N LEU B 238 0.03 26.71 11.93
CA LEU B 238 -0.73 26.94 10.71
C LEU B 238 0.11 26.93 9.44
N TYR B 239 1.25 27.61 9.47
CA TYR B 239 2.17 27.59 8.35
C TYR B 239 2.58 26.15 8.01
N GLU B 240 3.04 25.38 9.01
CA GLU B 240 3.45 24.02 8.76
C GLU B 240 2.31 23.12 8.27
N ALA B 241 1.12 23.29 8.85
CA ALA B 241 -0.02 22.46 8.46
C ALA B 241 -0.42 22.72 7.01
N ARG B 242 -0.34 23.98 6.61
CA ARG B 242 -0.67 24.37 5.25
C ARG B 242 0.38 23.83 4.28
N ASN B 243 1.66 23.95 4.64
CA ASN B 243 2.74 23.41 3.82
C ASN B 243 2.59 21.90 3.58
N ARG B 244 2.29 21.18 4.65
CA ARG B 244 2.16 19.74 4.58
C ARG B 244 1.01 19.35 3.66
N THR B 245 -0.10 20.06 3.78
CA THR B 245 -1.28 19.83 2.95
C THR B 245 -0.97 20.08 1.48
N LEU B 246 -0.26 21.16 1.20
CA LEU B 246 0.12 21.48 -0.16
C LEU B 246 1.16 20.50 -0.71
N ASN B 247 2.01 19.96 0.17
CA ASN B 247 2.94 18.93 -0.24
C ASN B 247 2.19 17.67 -0.63
N LEU B 248 1.16 17.33 0.13
CA LEU B 248 0.33 16.15 -0.15
C LEU B 248 -0.41 16.32 -1.47
N ALA B 249 -0.91 17.51 -1.73
CA ALA B 249 -1.61 17.78 -2.99
C ALA B 249 -0.63 17.56 -4.13
N LYS B 250 0.59 18.04 -3.94
CA LYS B 250 1.65 17.87 -4.94
C LYS B 250 1.96 16.40 -5.17
N LEU B 251 2.18 15.67 -4.08
CA LEU B 251 2.53 14.26 -4.14
C LEU B 251 1.43 13.41 -4.79
N THR B 252 0.19 13.87 -4.73
CA THR B 252 -0.91 13.07 -5.24
C THR B 252 -1.45 13.56 -6.56
N GLY B 253 -0.78 14.55 -7.15
CA GLY B 253 -1.23 15.10 -8.42
C GLY B 253 -2.44 16.00 -8.24
N CYS B 254 -2.58 16.58 -7.05
CA CYS B 254 -3.72 17.43 -6.74
C CYS B 254 -3.37 18.92 -6.56
N SER B 255 -2.16 19.31 -6.91
CA SER B 255 -1.78 20.72 -6.82
C SER B 255 -2.67 21.53 -7.74
N ARG B 256 -3.48 22.40 -7.14
CA ARG B 256 -4.46 23.15 -7.93
C ARG B 256 -4.29 24.64 -7.73
N GLU B 257 -5.08 25.38 -8.50
CA GLU B 257 -5.05 26.83 -8.53
C GLU B 257 -5.65 27.46 -7.28
N ASN B 258 -6.81 26.94 -6.86
CA ASN B 258 -7.45 27.36 -5.60
C ASN B 258 -7.76 26.18 -4.67
N GLU B 259 -8.11 26.48 -3.43
CA GLU B 259 -8.29 25.44 -2.41
C GLU B 259 -9.50 24.54 -2.64
N THR B 260 -10.57 25.09 -3.20
CA THR B 260 -11.77 24.29 -3.41
C THR B 260 -11.53 23.15 -4.41
N GLU B 261 -10.64 23.37 -5.37
CA GLU B 261 -10.30 22.35 -6.35
C GLU B 261 -9.29 21.36 -5.80
N ILE B 262 -8.34 21.85 -5.01
CA ILE B 262 -7.40 20.98 -4.32
C ILE B 262 -8.16 19.90 -3.56
N ILE B 263 -9.24 20.32 -2.89
CA ILE B 263 -10.01 19.39 -2.06
C ILE B 263 -10.89 18.44 -2.88
N LYS B 264 -11.55 18.96 -3.91
CA LYS B 264 -12.31 18.11 -4.83
C LYS B 264 -11.44 16.93 -5.28
N CYS B 265 -10.22 17.25 -5.70
CA CYS B 265 -9.27 16.28 -6.22
C CYS B 265 -8.84 15.29 -5.13
N LEU B 266 -8.53 15.79 -3.94
CA LEU B 266 -8.19 14.93 -2.81
C LEU B 266 -9.33 13.99 -2.41
N ARG B 267 -10.58 14.45 -2.54
CA ARG B 267 -11.73 13.60 -2.28
C ARG B 267 -11.86 12.42 -3.26
N ASN B 268 -11.21 12.53 -4.42
CA ASN B 268 -11.24 11.47 -5.40
C ASN B 268 -10.10 10.47 -5.37
N LYS B 269 -9.08 10.74 -4.58
CA LYS B 269 -7.95 9.83 -4.46
C LYS B 269 -8.40 8.61 -3.67
N ASP B 270 -7.92 7.45 -4.07
CA ASP B 270 -8.08 6.25 -3.28
C ASP B 270 -7.41 6.52 -1.95
N PRO B 271 -7.99 6.03 -0.83
CA PRO B 271 -7.40 6.17 0.50
C PRO B 271 -5.89 5.84 0.51
N GLN B 272 -5.48 4.76 -0.15
CA GLN B 272 -4.08 4.38 -0.13
C GLN B 272 -3.13 5.40 -0.79
N GLU B 273 -3.62 6.13 -1.78
CA GLU B 273 -2.81 7.17 -2.42
C GLU B 273 -2.61 8.36 -1.47
N ILE B 274 -3.52 8.53 -0.53
CA ILE B 274 -3.34 9.48 0.55
C ILE B 274 -2.39 8.95 1.61
N LEU B 275 -2.69 7.76 2.11
CA LEU B 275 -1.87 7.13 3.15
C LEU B 275 -0.38 6.99 2.80
N LEU B 276 -0.10 6.40 1.65
CA LEU B 276 1.29 6.16 1.28
C LEU B 276 2.06 7.45 0.90
N ASN B 277 1.35 8.59 0.81
CA ASN B 277 2.04 9.84 0.60
C ASN B 277 2.25 10.69 1.85
N GLU B 278 1.64 10.28 2.96
CA GLU B 278 1.77 11.02 4.22
C GLU B 278 3.22 11.14 4.70
N ALA B 279 4.00 10.09 4.48
CA ALA B 279 5.40 10.01 4.89
C ALA B 279 6.30 11.05 4.27
N PHE B 280 5.87 11.65 3.16
CA PHE B 280 6.75 12.52 2.40
C PHE B 280 6.49 14.01 2.60
N VAL B 281 5.46 14.35 3.37
CA VAL B 281 5.04 15.75 3.44
C VAL B 281 5.95 16.62 4.31
N VAL B 282 6.57 16.04 5.34
CA VAL B 282 7.50 16.79 6.19
C VAL B 282 8.95 16.46 5.81
N PRO B 283 9.66 17.41 5.18
CA PRO B 283 10.98 17.27 4.54
C PRO B 283 12.06 16.55 5.39
N TYR B 284 12.13 16.82 6.69
CA TYR B 284 13.09 16.11 7.53
C TYR B 284 12.43 15.60 8.81
N GLY B 285 11.49 14.68 8.65
CA GLY B 285 10.79 14.14 9.79
C GLY B 285 11.71 13.30 10.66
N THR B 286 11.21 12.95 11.84
CA THR B 286 11.92 12.11 12.79
C THR B 286 11.06 10.87 13.01
N PRO B 287 11.57 9.88 13.74
CA PRO B 287 10.70 8.75 14.09
C PRO B 287 9.52 9.18 14.98
N LEU B 288 9.59 10.40 15.51
CA LEU B 288 8.53 10.99 16.32
C LEU B 288 7.71 12.03 15.57
N SER B 289 7.99 12.20 14.28
CA SER B 289 7.29 13.21 13.50
C SER B 289 5.84 12.80 13.29
N VAL B 290 4.98 13.75 13.57
CA VAL B 290 3.55 13.64 13.41
C VAL B 290 3.18 14.40 12.14
N ASN B 291 2.89 13.66 11.06
CA ASN B 291 2.70 14.23 9.72
C ASN B 291 1.51 15.16 9.64
N PHE B 292 0.38 14.67 10.15
CA PHE B 292 -0.86 15.44 10.23
C PHE B 292 -1.45 15.30 11.62
N GLY B 293 -1.41 16.39 12.39
CA GLY B 293 -1.96 16.40 13.74
C GLY B 293 -2.77 17.64 14.08
N PRO B 294 -3.05 17.84 15.36
CA PRO B 294 -3.79 19.00 15.86
C PRO B 294 -3.21 20.32 15.37
N THR B 295 -4.08 21.27 15.09
CA THR B 295 -3.62 22.62 14.80
C THR B 295 -4.58 23.61 15.43
N VAL B 296 -4.19 24.87 15.42
CA VAL B 296 -5.08 25.95 15.83
C VAL B 296 -6.06 26.25 14.69
N ASP B 297 -7.29 25.75 14.80
CA ASP B 297 -8.24 25.88 13.72
C ASP B 297 -9.15 27.10 13.89
N GLY B 298 -9.18 27.65 15.09
CA GLY B 298 -10.08 28.74 15.41
C GLY B 298 -11.48 28.26 15.73
N ASP B 299 -11.60 26.94 15.92
CA ASP B 299 -12.89 26.31 16.18
C ASP B 299 -12.74 25.46 17.43
N PHE B 300 -12.13 24.29 17.29
CA PHE B 300 -11.82 23.42 18.42
C PHE B 300 -10.80 24.07 19.33
N LEU B 301 -9.71 24.55 18.73
CA LEU B 301 -8.69 25.31 19.45
C LEU B 301 -8.81 26.77 19.09
N THR B 302 -9.44 27.54 19.98
CA THR B 302 -9.73 28.95 19.69
C THR B 302 -8.47 29.83 19.62
N ASP B 303 -7.34 29.28 20.06
CA ASP B 303 -6.08 30.02 20.12
C ASP B 303 -4.95 29.03 20.36
N MET B 304 -3.70 29.50 20.27
CA MET B 304 -2.54 28.65 20.50
C MET B 304 -2.58 28.14 21.95
N PRO B 305 -2.42 26.81 22.14
CA PRO B 305 -2.62 26.13 23.44
C PRO B 305 -1.81 26.69 24.61
N ASP B 306 -0.52 26.94 24.40
CA ASP B 306 0.36 27.40 25.47
C ASP B 306 -0.12 28.75 26.01
N ILE B 307 -0.79 29.52 25.15
CA ILE B 307 -1.34 30.82 25.52
C ILE B 307 -2.62 30.68 26.33
N LEU B 308 -3.51 29.78 25.90
CA LEU B 308 -4.74 29.50 26.61
C LEU B 308 -4.45 29.04 28.03
N LEU B 309 -3.49 28.14 28.16
CA LEU B 309 -3.09 27.59 29.44
C LEU B 309 -2.48 28.67 30.34
N GLU B 310 -1.59 29.47 29.75
CA GLU B 310 -0.92 30.53 30.47
C GLU B 310 -1.93 31.57 30.97
N LEU B 311 -2.92 31.88 30.13
CA LEU B 311 -3.93 32.88 30.45
C LEU B 311 -4.97 32.36 31.45
N GLY B 312 -5.19 31.05 31.44
CA GLY B 312 -6.04 30.43 32.45
C GLY B 312 -7.41 29.95 32.00
N GLN B 313 -7.66 29.97 30.69
CA GLN B 313 -8.95 29.53 30.16
C GLN B 313 -8.97 28.06 29.76
N PHE B 314 -9.27 27.21 30.72
CA PHE B 314 -9.42 25.79 30.46
C PHE B 314 -10.28 25.24 31.57
N LYS B 315 -10.71 24.01 31.41
CA LYS B 315 -11.59 23.37 32.36
C LYS B 315 -10.86 23.26 33.70
N LYS B 316 -11.46 23.82 34.75
CA LYS B 316 -10.94 23.70 36.12
C LYS B 316 -11.46 22.42 36.76
N THR B 317 -10.58 21.42 36.87
CA THR B 317 -10.95 20.14 37.45
C THR B 317 -9.70 19.44 37.96
N GLN B 318 -9.81 18.15 38.30
CA GLN B 318 -8.68 17.41 38.84
C GLN B 318 -8.07 16.53 37.76
N ILE B 319 -6.73 16.43 37.73
CA ILE B 319 -6.07 15.59 36.74
C ILE B 319 -5.12 14.56 37.36
N LEU B 320 -4.78 13.57 36.55
CA LEU B 320 -3.85 12.54 36.96
C LEU B 320 -2.94 12.39 35.74
N VAL B 321 -1.66 12.69 35.93
CA VAL B 321 -0.71 12.73 34.82
C VAL B 321 0.47 11.82 35.13
N GLY B 322 1.11 11.27 34.10
CA GLY B 322 2.32 10.50 34.34
C GLY B 322 3.07 10.01 33.12
N VAL B 323 4.19 9.35 33.39
CA VAL B 323 5.11 8.93 32.35
C VAL B 323 5.77 7.62 32.75
N ASN B 324 6.30 6.92 31.75
CA ASN B 324 7.04 5.69 31.99
C ASN B 324 8.52 6.03 32.13
N LYS B 325 9.26 5.18 32.82
CA LYS B 325 10.69 5.43 33.01
C LYS B 325 11.47 5.56 31.70
N ASP B 326 11.18 4.73 30.70
CA ASP B 326 11.96 4.75 29.45
C ASP B 326 11.14 5.09 28.20
N GLU B 327 10.57 6.30 28.18
CA GLU B 327 9.66 6.72 27.11
C GLU B 327 10.33 6.80 25.73
N GLY B 328 11.64 7.06 25.74
CA GLY B 328 12.35 7.33 24.52
C GLY B 328 12.92 6.14 23.77
N THR B 329 12.92 4.96 24.37
CA THR B 329 13.65 3.86 23.73
C THR B 329 12.97 3.27 22.49
N ALA B 330 11.64 3.19 22.50
CA ALA B 330 10.87 2.69 21.37
C ALA B 330 11.27 3.29 20.01
N PHE B 331 11.60 4.57 19.99
CA PHE B 331 11.88 5.27 18.72
C PHE B 331 13.29 5.08 18.20
N LEU B 332 14.21 4.64 19.06
CA LEU B 332 15.60 4.49 18.65
C LEU B 332 15.79 3.42 17.56
N VAL B 333 15.01 2.34 17.63
CA VAL B 333 15.09 1.26 16.67
C VAL B 333 14.39 1.58 15.35
N TYR B 334 13.73 2.74 15.29
CA TYR B 334 13.15 3.23 14.04
C TYR B 334 14.01 4.28 13.34
N GLY B 335 15.32 4.09 13.38
CA GLY B 335 16.20 4.91 12.56
C GLY B 335 17.38 5.60 13.22
N ALA B 336 17.64 5.30 14.48
CA ALA B 336 18.86 5.81 15.09
C ALA B 336 19.97 4.79 14.81
N PRO B 337 21.05 5.22 14.15
CA PRO B 337 22.14 4.29 13.80
C PRO B 337 22.84 3.65 15.00
N GLY B 338 23.11 2.36 14.88
CA GLY B 338 23.73 1.59 15.94
C GLY B 338 22.70 0.79 16.73
N PHE B 339 21.43 1.12 16.52
CA PHE B 339 20.38 0.52 17.34
C PHE B 339 19.71 -0.64 16.65
N SER B 340 19.13 -1.53 17.44
CA SER B 340 18.47 -2.72 16.94
C SER B 340 17.80 -3.47 18.07
N LYS B 341 16.63 -4.02 17.80
CA LYS B 341 15.91 -4.78 18.81
C LYS B 341 16.54 -6.17 18.94
N ASP B 342 17.49 -6.46 18.07
CA ASP B 342 18.11 -7.78 18.01
C ASP B 342 19.51 -7.86 18.63
N ASN B 343 20.07 -6.72 19.02
CA ASN B 343 21.30 -6.71 19.79
C ASN B 343 21.28 -5.68 20.91
N ASN B 344 22.37 -5.56 21.65
CA ASN B 344 22.44 -4.71 22.83
C ASN B 344 22.53 -3.22 22.51
N SER B 345 22.83 -2.93 21.25
CA SER B 345 22.83 -1.55 20.74
C SER B 345 23.76 -0.63 21.50
N ILE B 346 24.93 -1.15 21.85
CA ILE B 346 25.97 -0.30 22.42
C ILE B 346 26.52 0.60 21.32
N ILE B 347 26.35 1.91 21.48
CA ILE B 347 26.83 2.85 20.48
C ILE B 347 28.00 3.68 20.97
N THR B 348 28.59 4.42 20.04
CA THR B 348 29.73 5.28 20.31
C THR B 348 29.29 6.74 20.40
N ARG B 349 30.20 7.59 20.85
CA ARG B 349 29.97 9.02 20.88
C ARG B 349 29.48 9.53 19.51
N LYS B 350 30.12 9.05 18.44
CA LYS B 350 29.78 9.53 17.10
C LYS B 350 28.42 9.01 16.63
N GLU B 351 28.07 7.77 17.00
CA GLU B 351 26.76 7.24 16.64
C GLU B 351 25.68 8.02 17.39
N PHE B 352 25.99 8.35 18.65
CA PHE B 352 25.14 9.23 19.45
C PHE B 352 24.93 10.60 18.81
N GLN B 353 25.99 11.16 18.23
CA GLN B 353 25.88 12.43 17.50
C GLN B 353 25.09 12.29 16.21
N GLU B 354 25.16 11.12 15.59
CA GLU B 354 24.34 10.84 14.43
C GLU B 354 22.89 10.75 14.85
N GLY B 355 22.66 10.20 16.06
CA GLY B 355 21.34 10.03 16.62
C GLY B 355 20.67 11.39 16.79
N LEU B 356 21.36 12.30 17.45
CA LEU B 356 20.87 13.67 17.64
C LEU B 356 20.46 14.31 16.31
N LYS B 357 21.24 14.05 15.27
CA LYS B 357 20.99 14.60 13.94
C LYS B 357 19.63 14.12 13.41
N ILE B 358 19.36 12.83 13.57
CA ILE B 358 18.08 12.26 13.17
C ILE B 358 16.90 12.77 14.02
N PHE B 359 17.10 12.89 15.33
CA PHE B 359 16.01 13.35 16.20
C PHE B 359 15.92 14.87 16.25
N PHE B 360 17.00 15.56 15.93
CA PHE B 360 16.98 17.02 15.93
C PHE B 360 17.48 17.65 14.62
N PRO B 361 16.74 17.44 13.52
CA PRO B 361 17.16 17.86 12.18
C PRO B 361 17.36 19.37 11.94
N GLY B 362 16.49 20.21 12.50
CA GLY B 362 16.59 21.63 12.22
C GLY B 362 17.53 22.40 13.12
N VAL B 363 18.13 21.70 14.08
CA VAL B 363 18.89 22.32 15.17
C VAL B 363 20.38 22.60 14.82
N SER B 364 20.88 23.77 15.22
CA SER B 364 22.29 24.16 15.00
C SER B 364 23.31 23.23 15.67
N GLU B 365 24.56 23.30 15.22
CA GLU B 365 25.60 22.45 15.78
C GLU B 365 25.88 22.78 17.26
N PHE B 366 25.81 24.06 17.59
CA PHE B 366 25.90 24.52 18.97
C PHE B 366 24.77 23.90 19.83
N GLY B 367 23.58 23.83 19.27
CA GLY B 367 22.43 23.29 19.97
C GLY B 367 22.60 21.81 20.26
N LYS B 368 23.01 21.06 19.25
CA LYS B 368 23.26 19.64 19.42
C LYS B 368 24.43 19.42 20.35
N GLU B 369 25.46 20.24 20.21
CA GLU B 369 26.63 20.12 21.06
C GLU B 369 26.23 20.38 22.50
N SER B 370 25.23 21.24 22.70
CA SER B 370 24.85 21.59 24.07
C SER B 370 23.99 20.50 24.69
N ILE B 371 23.29 19.73 23.85
CA ILE B 371 22.55 18.56 24.31
C ILE B 371 23.51 17.45 24.71
N LEU B 372 24.49 17.22 23.85
CA LEU B 372 25.55 16.27 24.11
C LEU B 372 26.21 16.59 25.46
N PHE B 373 26.53 17.86 25.70
CA PHE B 373 27.15 18.23 26.97
C PHE B 373 26.29 17.93 28.21
N HIS B 374 25.00 18.21 28.10
CA HIS B 374 24.09 18.12 29.23
C HIS B 374 23.76 16.67 29.60
N TYR B 375 23.95 15.77 28.64
CA TYR B 375 23.62 14.36 28.83
C TYR B 375 24.87 13.48 28.86
N THR B 376 26.05 14.08 29.03
CA THR B 376 27.26 13.27 29.13
C THR B 376 28.01 13.37 30.46
N ASP B 377 27.33 13.82 31.51
CA ASP B 377 27.98 13.87 32.82
C ASP B 377 27.80 12.54 33.54
N TRP B 378 28.63 11.56 33.20
CA TRP B 378 28.47 10.19 33.68
C TRP B 378 28.69 10.01 35.19
N VAL B 379 27.91 9.10 35.78
CA VAL B 379 28.20 8.58 37.13
C VAL B 379 29.39 7.62 37.06
N ASP B 380 29.25 6.54 36.29
CA ASP B 380 30.37 5.65 35.98
C ASP B 380 30.78 5.85 34.52
N ASP B 381 32.00 6.34 34.34
CA ASP B 381 32.54 6.68 33.03
C ASP B 381 33.12 5.46 32.29
N GLN B 382 33.14 4.32 32.97
CA GLN B 382 33.56 3.04 32.37
C GLN B 382 32.41 2.41 31.59
N ARG B 383 31.20 2.63 32.09
CA ARG B 383 29.97 2.03 31.56
C ARG B 383 29.80 2.19 30.04
N PRO B 384 29.85 1.06 29.30
CA PRO B 384 29.74 1.09 27.84
C PRO B 384 28.34 1.36 27.29
N GLU B 385 27.32 1.35 28.14
CA GLU B 385 25.96 1.63 27.67
C GLU B 385 25.56 3.07 27.94
N ASN B 386 26.54 3.87 28.34
CA ASN B 386 26.31 5.29 28.62
C ASN B 386 25.63 6.04 27.47
N TYR B 387 26.16 5.91 26.26
CA TYR B 387 25.64 6.65 25.13
C TYR B 387 24.26 6.15 24.69
N ARG B 388 24.08 4.83 24.67
CA ARG B 388 22.79 4.24 24.36
C ARG B 388 21.69 4.75 25.29
N GLU B 389 21.99 4.84 26.59
CA GLU B 389 21.01 5.28 27.57
C GLU B 389 20.73 6.77 27.47
N ALA B 390 21.79 7.54 27.29
CA ALA B 390 21.65 9.00 27.17
C ALA B 390 20.76 9.40 25.99
N LEU B 391 20.92 8.72 24.85
CA LEU B 391 20.12 9.04 23.68
C LEU B 391 18.65 8.74 23.93
N GLY B 392 18.39 7.60 24.58
CA GLY B 392 17.05 7.23 24.98
C GLY B 392 16.44 8.26 25.93
N ASP B 393 17.25 8.74 26.87
CA ASP B 393 16.82 9.78 27.79
C ASP B 393 16.61 11.14 27.12
N VAL B 394 17.51 11.49 26.20
CA VAL B 394 17.34 12.69 25.40
C VAL B 394 15.96 12.69 24.73
N VAL B 395 15.62 11.57 24.11
CA VAL B 395 14.37 11.46 23.38
C VAL B 395 13.13 11.37 24.31
N GLY B 396 13.25 10.64 25.41
CA GLY B 396 12.19 10.58 26.40
C GLY B 396 11.89 11.90 27.13
N ASP B 397 12.95 12.58 27.58
CA ASP B 397 12.76 13.81 28.35
C ASP B 397 12.17 14.92 27.53
N TYR B 398 12.74 15.11 26.34
CA TYR B 398 12.30 16.15 25.42
C TYR B 398 10.87 15.94 24.90
N ASN B 399 10.57 14.71 24.49
CA ASN B 399 9.29 14.45 23.85
C ASN B 399 8.13 14.13 24.82
N PHE B 400 8.41 13.61 26.00
CA PHE B 400 7.34 13.12 26.86
C PHE B 400 7.40 13.66 28.28
N ILE B 401 8.48 13.29 28.99
CA ILE B 401 8.59 13.57 30.41
C ILE B 401 8.56 15.05 30.76
N CYS B 402 9.48 15.84 30.21
CA CYS B 402 9.50 17.27 30.47
C CYS B 402 8.21 18.03 30.06
N PRO B 403 7.67 17.74 28.87
CA PRO B 403 6.35 18.32 28.62
C PRO B 403 5.28 17.95 29.67
N ALA B 404 5.23 16.68 30.07
CA ALA B 404 4.25 16.24 31.07
C ALA B 404 4.37 16.97 32.43
N LEU B 405 5.59 17.10 32.94
CA LEU B 405 5.82 17.84 34.18
C LEU B 405 5.49 19.30 34.01
N GLU B 406 5.84 19.85 32.85
CA GLU B 406 5.70 21.28 32.63
C GLU B 406 4.21 21.60 32.53
N PHE B 407 3.44 20.70 31.94
CA PHE B 407 1.99 20.84 31.86
C PHE B 407 1.39 20.83 33.26
N THR B 408 1.78 19.83 34.05
CA THR B 408 1.22 19.65 35.38
C THR B 408 1.51 20.86 36.30
N LYS B 409 2.72 21.42 36.23
CA LYS B 409 3.05 22.61 37.01
C LYS B 409 2.09 23.78 36.74
N LYS B 410 1.90 24.10 35.47
CA LYS B 410 1.05 25.22 35.07
C LYS B 410 -0.42 24.97 35.40
N PHE B 411 -0.89 23.78 35.06
CA PHE B 411 -2.24 23.38 35.40
C PHE B 411 -2.48 23.49 36.91
N SER B 412 -1.57 22.96 37.73
CA SER B 412 -1.77 23.01 39.17
C SER B 412 -1.63 24.42 39.74
N GLU B 413 -0.95 25.29 39.02
CA GLU B 413 -0.74 26.67 39.47
C GLU B 413 -2.04 27.50 39.45
N TRP B 414 -3.10 26.95 38.89
CA TRP B 414 -4.41 27.60 38.89
C TRP B 414 -5.34 26.97 39.92
N GLY B 415 -4.75 26.30 40.90
CA GLY B 415 -5.51 25.77 42.02
C GLY B 415 -6.34 24.55 41.68
N ASN B 416 -5.70 23.59 41.01
CA ASN B 416 -6.35 22.35 40.68
C ASN B 416 -5.55 21.22 41.26
N ASN B 417 -6.24 20.24 41.81
CA ASN B 417 -5.56 19.03 42.27
C ASN B 417 -4.96 18.25 41.12
N ALA B 418 -3.65 18.01 41.22
CA ALA B 418 -2.93 17.24 40.21
C ALA B 418 -2.19 16.11 40.89
N PHE B 419 -2.23 14.94 40.26
CA PHE B 419 -1.49 13.79 40.77
C PHE B 419 -0.56 13.27 39.69
N PHE B 420 0.72 13.16 40.01
CA PHE B 420 1.73 12.73 39.06
C PHE B 420 2.33 11.38 39.41
N TYR B 421 2.45 10.49 38.43
CA TYR B 421 3.05 9.18 38.65
C TYR B 421 4.29 8.96 37.79
N TYR B 422 5.12 8.01 38.22
CA TYR B 422 6.30 7.63 37.48
C TYR B 422 6.32 6.11 37.43
N PHE B 423 5.89 5.56 36.30
CA PHE B 423 5.77 4.13 36.11
C PHE B 423 7.13 3.49 35.78
N GLU B 424 7.58 2.58 36.63
CA GLU B 424 8.93 2.03 36.58
C GLU B 424 9.01 0.51 36.39
N HIS B 425 7.87 -0.15 36.22
CA HIS B 425 7.89 -1.61 36.12
C HIS B 425 7.92 -2.09 34.66
N ARG B 426 8.85 -2.99 34.37
CA ARG B 426 8.95 -3.60 33.04
C ARG B 426 8.23 -4.94 33.01
N SER B 427 7.22 -5.03 32.16
CA SER B 427 6.40 -6.24 32.07
C SER B 427 7.27 -7.46 31.79
N SER B 428 6.98 -8.55 32.47
CA SER B 428 7.73 -9.78 32.28
C SER B 428 7.44 -10.40 30.91
N LYS B 429 6.42 -9.89 30.23
CA LYS B 429 6.00 -10.37 28.91
C LYS B 429 6.48 -9.48 27.75
N LEU B 430 7.11 -8.35 28.05
CA LEU B 430 7.50 -7.35 27.05
C LEU B 430 8.39 -7.96 25.95
N PRO B 431 7.88 -7.98 24.70
CA PRO B 431 8.58 -8.68 23.61
C PRO B 431 9.86 -7.98 23.18
N TRP B 432 9.97 -6.70 23.50
CA TRP B 432 11.16 -5.95 23.15
C TRP B 432 12.31 -6.33 24.08
N PRO B 433 13.56 -6.18 23.61
CA PRO B 433 14.70 -6.61 24.43
C PRO B 433 14.85 -5.77 25.72
N GLU B 434 15.67 -6.27 26.66
CA GLU B 434 15.84 -5.63 27.96
C GLU B 434 16.40 -4.21 27.97
N TRP B 435 17.36 -3.90 27.11
CA TRP B 435 17.92 -2.55 27.11
C TRP B 435 16.88 -1.45 26.87
N MET B 436 15.74 -1.82 26.30
CA MET B 436 14.69 -0.84 26.03
C MET B 436 13.92 -0.44 27.28
N GLY B 437 14.10 -1.21 28.36
CA GLY B 437 13.54 -0.84 29.65
C GLY B 437 12.02 -0.79 29.71
N VAL B 438 11.51 0.21 30.41
CA VAL B 438 10.08 0.38 30.62
C VAL B 438 9.54 1.31 29.55
N MET B 439 9.15 0.71 28.43
CA MET B 439 8.88 1.42 27.18
C MET B 439 7.59 2.23 27.12
N HIS B 440 7.61 3.25 26.26
CA HIS B 440 6.41 3.98 25.88
C HIS B 440 5.27 3.01 25.57
N GLY B 441 4.14 3.16 26.25
CA GLY B 441 2.97 2.35 25.94
C GLY B 441 2.76 1.10 26.80
N TYR B 442 3.78 0.67 27.52
CA TYR B 442 3.68 -0.59 28.23
C TYR B 442 3.23 -0.50 29.70
N GLU B 443 2.53 0.58 30.03
CA GLU B 443 1.76 0.66 31.27
C GLU B 443 0.27 0.46 30.99
N ILE B 444 -0.10 0.49 29.71
CA ILE B 444 -1.52 0.46 29.33
C ILE B 444 -2.22 -0.83 29.77
N GLU B 445 -1.54 -1.97 29.58
CA GLU B 445 -2.10 -3.27 29.91
C GLU B 445 -2.32 -3.42 31.42
N PHE B 446 -1.53 -2.68 32.21
CA PHE B 446 -1.68 -2.67 33.66
C PHE B 446 -2.88 -1.81 34.08
N VAL B 447 -3.10 -0.71 33.38
CA VAL B 447 -4.26 0.16 33.60
C VAL B 447 -5.58 -0.54 33.27
N PHE B 448 -5.56 -1.32 32.19
CA PHE B 448 -6.77 -1.98 31.69
C PHE B 448 -6.96 -3.33 32.37
N GLY B 449 -6.00 -3.70 33.21
CA GLY B 449 -6.13 -4.84 34.11
C GLY B 449 -5.94 -6.21 33.51
N LEU B 450 -5.18 -6.29 32.42
CA LEU B 450 -4.90 -7.57 31.76
C LEU B 450 -4.20 -8.58 32.69
N PRO B 451 -3.30 -8.11 33.58
CA PRO B 451 -2.67 -9.13 34.43
C PRO B 451 -3.58 -9.69 35.53
N LEU B 452 -4.81 -9.19 35.65
CA LEU B 452 -5.79 -9.78 36.58
C LEU B 452 -6.29 -11.16 36.10
N GLU B 453 -6.08 -11.43 34.81
CA GLU B 453 -6.49 -12.68 34.19
C GLU B 453 -5.46 -13.76 34.49
N ARG B 454 -5.82 -14.74 35.32
CA ARG B 454 -4.82 -15.66 35.84
C ARG B 454 -4.37 -16.70 34.81
N ARG B 455 -5.00 -16.66 33.65
CA ARG B 455 -4.56 -17.51 32.56
C ARG B 455 -3.65 -16.77 31.56
N ASP B 456 -3.43 -15.48 31.78
CA ASP B 456 -2.82 -14.59 30.77
C ASP B 456 -1.28 -14.60 30.75
N ASN B 457 -0.67 -15.55 31.48
CA ASN B 457 0.74 -15.45 31.86
C ASN B 457 0.83 -14.24 32.82
N TYR B 458 1.99 -13.56 32.94
CA TYR B 458 2.23 -12.47 33.94
C TYR B 458 2.52 -13.04 35.32
N THR B 459 3.31 -12.31 36.12
CA THR B 459 3.58 -12.70 37.50
C THR B 459 2.52 -12.23 38.50
N LYS B 460 2.53 -12.87 39.66
CA LYS B 460 1.66 -12.53 40.78
C LYS B 460 1.80 -11.08 41.20
N ALA B 461 3.05 -10.66 41.35
CA ALA B 461 3.38 -9.26 41.61
C ALA B 461 2.79 -8.33 40.54
N GLU B 462 2.79 -8.78 39.29
CA GLU B 462 2.20 -7.99 38.23
C GLU B 462 0.68 -7.96 38.32
N GLU B 463 0.10 -8.95 38.99
CA GLU B 463 -1.33 -8.95 39.23
C GLU B 463 -1.67 -7.93 40.33
N ILE B 464 -0.86 -7.92 41.39
CA ILE B 464 -1.06 -6.99 42.48
C ILE B 464 -0.85 -5.54 42.02
N LEU B 465 0.26 -5.29 41.34
CA LEU B 465 0.52 -3.97 40.75
C LEU B 465 -0.67 -3.42 39.95
N SER B 466 -1.16 -4.21 38.99
CA SER B 466 -2.32 -3.82 38.19
C SER B 466 -3.58 -3.63 39.04
N ARG B 467 -3.80 -4.50 40.01
CA ARG B 467 -4.92 -4.37 40.95
C ARG B 467 -5.04 -2.98 41.57
N SER B 468 -3.91 -2.42 42.00
CA SER B 468 -3.94 -1.10 42.63
C SER B 468 -4.03 0.06 41.64
N ILE B 469 -3.35 -0.05 40.51
CA ILE B 469 -3.44 0.96 39.46
C ILE B 469 -4.90 1.08 39.04
N VAL B 470 -5.48 -0.06 38.68
CA VAL B 470 -6.89 -0.15 38.36
C VAL B 470 -7.79 0.43 39.46
N LYS B 471 -7.39 0.24 40.72
CA LYS B 471 -8.12 0.79 41.86
C LYS B 471 -7.98 2.32 41.97
N ARG B 472 -6.75 2.83 41.89
CA ARG B 472 -6.53 4.28 41.89
C ARG B 472 -7.20 5.00 40.70
N TRP B 473 -7.08 4.43 39.50
CA TRP B 473 -7.68 5.06 38.32
C TRP B 473 -9.19 5.20 38.52
N ALA B 474 -9.84 4.09 38.86
CA ALA B 474 -11.27 4.08 39.15
C ALA B 474 -11.64 5.06 40.27
N ASN B 475 -10.88 5.04 41.36
CA ASN B 475 -11.17 5.94 42.47
C ASN B 475 -10.93 7.41 42.10
N PHE B 476 -9.97 7.66 41.22
CA PHE B 476 -9.76 9.02 40.76
C PHE B 476 -10.95 9.42 39.92
N ALA B 477 -11.46 8.48 39.13
CA ALA B 477 -12.59 8.77 38.28
C ALA B 477 -13.81 9.05 39.16
N LYS B 478 -14.13 8.10 40.02
CA LYS B 478 -15.26 8.27 40.94
C LYS B 478 -15.12 9.48 41.87
N TYR B 479 -13.94 9.67 42.45
CA TYR B 479 -13.82 10.56 43.62
C TYR B 479 -12.96 11.81 43.47
N GLY B 480 -12.06 11.81 42.49
CA GLY B 480 -11.17 12.94 42.28
C GLY B 480 -9.90 12.85 43.12
N ASN B 481 -9.67 11.65 43.62
CA ASN B 481 -8.52 11.36 44.44
C ASN B 481 -8.15 9.92 44.13
N PRO B 482 -6.95 9.69 43.58
CA PRO B 482 -6.60 8.29 43.28
C PRO B 482 -6.17 7.55 44.54
N ASN B 483 -7.04 7.52 45.54
CA ASN B 483 -6.76 6.83 46.80
C ASN B 483 -6.90 5.33 46.62
N GLU B 484 -6.14 4.57 47.40
CA GLU B 484 -6.34 3.15 47.40
C GLU B 484 -6.91 2.68 48.73
N THR B 485 -7.41 1.45 48.75
CA THR B 485 -7.86 0.82 49.98
C THR B 485 -6.65 0.22 50.68
N GLN B 486 -6.84 -0.95 51.30
CA GLN B 486 -5.76 -1.71 51.93
C GLN B 486 -4.93 -0.86 52.90
N ASN B 487 -5.26 -0.91 54.19
CA ASN B 487 -4.62 -0.09 55.23
C ASN B 487 -3.10 0.12 55.08
N ASN B 488 -2.44 -0.76 54.32
CA ASN B 488 -1.08 -0.52 53.89
C ASN B 488 -1.04 0.68 52.93
N SER B 489 -1.47 0.46 51.69
CA SER B 489 -1.51 1.49 50.64
C SER B 489 -0.19 2.23 50.52
N THR B 490 -0.24 3.51 50.14
CA THR B 490 0.95 4.35 50.05
C THR B 490 0.67 5.84 49.82
N SER B 491 -0.61 6.22 49.88
CA SER B 491 -1.03 7.62 50.02
C SER B 491 -0.48 8.61 48.98
N TRP B 492 -1.27 8.91 47.96
CA TRP B 492 -0.82 9.72 46.83
C TRP B 492 -1.11 11.20 47.06
N PRO B 493 -0.04 12.04 47.11
CA PRO B 493 -0.15 13.48 47.38
C PRO B 493 -0.25 14.37 46.13
N VAL B 494 -0.89 15.52 46.28
CA VAL B 494 -1.08 16.53 45.23
C VAL B 494 0.23 17.08 44.63
N PHE B 495 0.22 17.40 43.33
CA PHE B 495 1.39 17.94 42.65
C PHE B 495 1.43 19.47 42.72
N LYS B 496 2.49 20.02 43.29
CA LYS B 496 2.60 21.48 43.44
C LYS B 496 3.90 22.03 42.85
N SER B 497 3.81 23.22 42.24
CA SER B 497 4.93 23.81 41.49
C SER B 497 6.23 23.89 42.29
N THR B 498 6.11 23.98 43.61
CA THR B 498 7.27 24.10 44.47
C THR B 498 7.93 22.74 44.72
N GLU B 499 7.23 21.86 45.44
CA GLU B 499 7.80 20.58 45.84
C GLU B 499 7.77 19.53 44.74
N GLN B 500 6.72 19.56 43.92
CA GLN B 500 6.59 18.63 42.81
C GLN B 500 6.64 17.16 43.27
N LYS B 501 5.83 16.83 44.26
CA LYS B 501 5.73 15.46 44.73
C LYS B 501 5.12 14.55 43.66
N TYR B 502 5.66 13.35 43.52
CA TYR B 502 5.07 12.35 42.63
C TYR B 502 5.18 10.93 43.21
N LEU B 503 4.27 10.06 42.80
CA LEU B 503 4.26 8.67 43.23
C LEU B 503 4.92 7.76 42.19
N THR B 504 5.81 6.87 42.64
CA THR B 504 6.41 5.86 41.76
C THR B 504 5.54 4.61 41.76
N LEU B 505 5.57 3.90 40.64
CA LEU B 505 4.79 2.67 40.47
C LEU B 505 5.70 1.54 40.00
N ASN B 506 5.78 0.49 40.82
CA ASN B 506 6.60 -0.67 40.55
C ASN B 506 6.15 -1.82 41.45
N THR B 507 6.77 -2.99 41.32
CA THR B 507 6.36 -4.15 42.11
C THR B 507 7.01 -4.24 43.49
N GLU B 508 8.25 -3.78 43.62
CA GLU B 508 8.92 -3.80 44.93
C GLU B 508 8.93 -2.42 45.60
N SER B 509 7.78 -2.05 46.18
CA SER B 509 7.61 -0.83 47.00
C SER B 509 7.54 0.50 46.23
N THR B 510 6.36 1.10 46.28
CA THR B 510 6.10 2.39 45.66
C THR B 510 6.29 3.51 46.68
N ARG B 511 7.05 4.53 46.32
CA ARG B 511 7.36 5.60 47.26
C ARG B 511 7.15 7.01 46.69
N ILE B 512 6.98 7.98 47.58
CA ILE B 512 6.78 9.39 47.21
C ILE B 512 8.07 10.17 47.02
N MET B 513 8.30 10.66 45.80
CA MET B 513 9.50 11.42 45.48
C MET B 513 9.13 12.83 45.06
N THR B 514 10.15 13.64 44.73
CA THR B 514 9.93 15.01 44.31
C THR B 514 10.83 15.44 43.12
N LYS B 515 10.38 16.47 42.40
CA LYS B 515 11.12 17.05 41.29
C LYS B 515 11.68 16.04 40.30
N LEU B 516 10.82 15.25 39.67
CA LEU B 516 11.26 14.26 38.68
C LEU B 516 12.13 14.85 37.56
N ARG B 517 13.33 14.31 37.39
CA ARG B 517 14.28 14.75 36.36
C ARG B 517 14.40 16.29 36.27
N ALA B 518 14.44 16.96 37.42
CA ALA B 518 14.51 18.42 37.45
C ALA B 518 15.73 18.99 36.72
N GLN B 519 16.89 18.38 36.89
CA GLN B 519 18.13 18.85 36.28
C GLN B 519 18.07 18.70 34.76
N GLN B 520 17.50 17.59 34.29
CA GLN B 520 17.35 17.38 32.85
C GLN B 520 16.30 18.30 32.25
N CYS B 521 15.15 18.42 32.91
CA CYS B 521 14.07 19.23 32.37
C CYS B 521 14.39 20.73 32.35
N ARG B 522 15.28 21.15 33.24
CA ARG B 522 15.65 22.55 33.27
C ARG B 522 16.29 22.97 31.94
N PHE B 523 17.08 22.06 31.38
CA PHE B 523 17.67 22.28 30.07
C PHE B 523 16.61 22.50 28.98
N TRP B 524 15.61 21.63 28.92
CA TRP B 524 14.64 21.63 27.82
C TRP B 524 13.66 22.79 27.89
N THR B 525 13.36 23.25 29.10
CA THR B 525 12.39 24.33 29.27
C THR B 525 13.04 25.71 29.29
N SER B 526 14.30 25.79 29.72
CA SER B 526 14.93 27.09 29.95
C SER B 526 16.11 27.41 29.03
N PHE B 527 16.71 26.39 28.43
CA PHE B 527 17.85 26.66 27.58
C PHE B 527 17.61 26.31 26.12
N PHE B 528 17.17 25.08 25.88
CA PHE B 528 16.99 24.59 24.52
C PHE B 528 16.18 25.52 23.60
N PRO B 529 15.08 26.12 24.09
CA PRO B 529 14.39 27.07 23.21
C PRO B 529 15.19 28.30 22.78
N LYS B 530 16.46 28.41 23.17
CA LYS B 530 17.29 29.56 22.80
C LYS B 530 18.37 29.20 21.78
N VAL B 531 18.64 27.91 21.62
CA VAL B 531 19.66 27.45 20.67
C VAL B 531 19.09 27.42 19.25
#